data_2F4L
#
_entry.id   2F4L
#
_cell.length_a   80.257
_cell.length_b   104.068
_cell.length_c   154.945
_cell.angle_alpha   90.000
_cell.angle_beta   90.000
_cell.angle_gamma   90.000
#
_symmetry.space_group_name_H-M   'P 21 21 21'
#
loop_
_entity.id
_entity.type
_entity.pdbx_description
1 polymer 'acetamidase, putative'
2 non-polymer 'ZINC ION'
3 non-polymer 'CHLORIDE ION'
4 water water
#
_entity_poly.entity_id   1
_entity_poly.type   'polypeptide(L)'
_entity_poly.pdbx_seq_one_letter_code
;(MSE)GSDKIHHHHHH(MSE)KVVPAQRCVYSFSAN(MSE)APVEEVYPGEQVVFETLDALGGSYDKIDFSKVNPATGPV
FVNGVKPGDTLKVRIKRIELPRRG(MSE)IVTGKGFGVLGDEVEGFHTKELEIEKWAVLFDGVRIPIHP(MSE)VGVIGV
APQEGEYPTGTAHRHGGN(MSE)DTKEITENVTVHLPVFQEGALLALGDVHAT(MSE)GDGEVCVSACEVPAKVVVEIDV
SKEEIKWPVVETNDAYYIIVSLPDIEEALKEVTRETVWFIQRRKTIPFTDAY(MSE)LASLSVDVGISQLVNPAKTAKAR
IPKYIFTGV
;
_entity_poly.pdbx_strand_id   A,B,C,D
#
loop_
_chem_comp.id
_chem_comp.type
_chem_comp.name
_chem_comp.formula
CL non-polymer 'CHLORIDE ION' 'Cl -1'
ZN non-polymer 'ZINC ION' 'Zn 2'
#
# COMPACT_ATOMS: atom_id res chain seq x y z
N MSE A 13 -10.44 -39.54 29.93
CA MSE A 13 -10.00 -38.44 29.01
C MSE A 13 -9.82 -37.11 29.74
O MSE A 13 -10.71 -36.63 30.45
CB MSE A 13 -10.98 -38.27 27.84
CG MSE A 13 -10.55 -37.16 26.87
SE MSE A 13 -11.51 -37.10 25.13
CE MSE A 13 -13.41 -37.21 25.79
N LYS A 14 -8.67 -36.48 29.52
CA LYS A 14 -8.32 -35.24 30.20
C LYS A 14 -9.14 -34.07 29.67
N VAL A 15 -9.62 -33.23 30.60
CA VAL A 15 -10.34 -32.01 30.26
C VAL A 15 -9.57 -30.79 30.74
N VAL A 16 -9.37 -29.80 29.88
CA VAL A 16 -8.77 -28.54 30.28
C VAL A 16 -9.88 -27.51 30.43
N PRO A 17 -10.19 -27.12 31.66
CA PRO A 17 -11.35 -26.23 31.87
C PRO A 17 -11.07 -24.81 31.40
N ALA A 18 -12.13 -24.09 31.01
CA ALA A 18 -12.00 -22.75 30.36
C ALA A 18 -11.33 -21.70 31.23
N GLN A 19 -11.43 -21.89 32.54
CA GLN A 19 -10.82 -20.99 33.52
C GLN A 19 -9.29 -21.03 33.52
N ARG A 20 -8.70 -22.04 32.87
CA ARG A 20 -7.24 -22.07 32.70
C ARG A 20 -6.88 -21.67 31.27
N CYS A 21 -6.44 -20.42 31.12
CA CYS A 21 -6.25 -19.82 29.83
C CYS A 21 -5.17 -18.76 29.79
N VAL A 22 -4.94 -18.24 28.59
CA VAL A 22 -3.93 -17.22 28.37
C VAL A 22 -4.46 -16.14 27.40
N TYR A 23 -3.83 -14.98 27.47
CA TYR A 23 -4.13 -13.85 26.59
C TYR A 23 -2.89 -13.47 25.76
N SER A 24 -1.85 -14.29 25.88
CA SER A 24 -0.66 -14.17 25.05
C SER A 24 -0.10 -15.55 24.86
N PHE A 25 0.39 -15.84 23.67
CA PHE A 25 1.34 -16.93 23.49
C PHE A 25 2.71 -16.35 23.84
N SER A 26 3.28 -16.89 24.91
CA SER A 26 4.52 -16.39 25.47
C SER A 26 5.54 -17.51 25.50
N ALA A 27 6.81 -17.15 25.29
CA ALA A 27 7.89 -18.13 25.34
C ALA A 27 7.88 -18.87 26.68
N ASN A 28 7.53 -18.15 27.74
CA ASN A 28 7.66 -18.66 29.10
C ASN A 28 6.39 -19.13 29.80
N MSE A 29 5.28 -19.26 29.09
CA MSE A 29 4.01 -19.71 29.72
C MSE A 29 4.22 -21.01 30.49
O MSE A 29 4.94 -21.91 30.01
CB MSE A 29 2.93 -20.03 28.69
CG MSE A 29 2.55 -18.97 27.69
SE MSE A 29 1.50 -19.88 26.31
CE MSE A 29 2.89 -20.84 25.34
N ALA A 30 3.55 -21.13 31.64
CA ALA A 30 3.51 -22.38 32.41
C ALA A 30 2.41 -23.29 31.88
N PRO A 31 2.67 -24.61 31.81
CA PRO A 31 1.60 -25.53 31.44
C PRO A 31 0.55 -25.68 32.55
N VAL A 32 -0.66 -26.09 32.16
CA VAL A 32 -1.72 -26.39 33.12
C VAL A 32 -2.20 -27.84 32.98
N GLU A 33 -1.48 -28.63 32.19
CA GLU A 33 -1.82 -30.02 31.94
C GLU A 33 -0.67 -30.61 31.13
N GLU A 34 -0.41 -31.90 31.35
CA GLU A 34 0.63 -32.63 30.63
C GLU A 34 0.03 -33.92 30.04
N VAL A 35 0.38 -34.17 28.77
CA VAL A 35 -0.14 -35.29 28.00
C VAL A 35 0.99 -36.07 27.32
N TYR A 36 0.75 -37.36 27.10
CA TYR A 36 1.58 -38.12 26.20
C TYR A 36 1.08 -37.84 24.80
N PRO A 37 1.97 -37.90 23.81
CA PRO A 37 1.49 -37.85 22.43
C PRO A 37 0.65 -39.11 22.11
N GLY A 38 -0.39 -38.92 21.32
CA GLY A 38 -1.41 -39.94 21.08
C GLY A 38 -2.65 -39.79 21.94
N GLU A 39 -2.58 -39.00 23.01
CA GLU A 39 -3.72 -38.85 23.92
C GLU A 39 -4.75 -37.93 23.30
N GLN A 40 -6.00 -38.09 23.73
CA GLN A 40 -7.08 -37.15 23.40
C GLN A 40 -7.27 -36.20 24.56
N VAL A 41 -7.63 -34.95 24.26
CA VAL A 41 -7.84 -33.92 25.28
C VAL A 41 -9.06 -33.08 24.90
N VAL A 42 -9.91 -32.81 25.88
CA VAL A 42 -11.03 -31.88 25.71
C VAL A 42 -10.65 -30.47 26.25
N PHE A 43 -10.74 -29.47 25.37
CA PHE A 43 -10.55 -28.07 25.73
C PHE A 43 -11.93 -27.42 25.88
N GLU A 44 -12.23 -26.88 27.05
CA GLU A 44 -13.44 -26.06 27.20
C GLU A 44 -13.02 -24.63 26.96
N THR A 45 -13.67 -23.96 26.01
CA THR A 45 -13.29 -22.60 25.62
C THR A 45 -14.42 -21.65 25.88
N LEU A 46 -14.08 -20.45 26.37
CA LEU A 46 -15.01 -19.33 26.46
C LEU A 46 -15.03 -18.69 25.09
N ASP A 47 -16.11 -18.00 24.76
CA ASP A 47 -16.18 -17.24 23.51
C ASP A 47 -15.11 -16.11 23.51
N ALA A 48 -14.77 -15.61 22.33
CA ALA A 48 -13.68 -14.66 22.18
C ALA A 48 -13.99 -13.29 22.80
N LEU A 49 -15.28 -12.97 22.91
CA LEU A 49 -15.74 -11.63 23.24
C LEU A 49 -15.77 -11.33 24.73
N GLY A 50 -15.79 -12.37 25.57
CA GLY A 50 -15.89 -12.16 27.03
C GLY A 50 -16.01 -13.48 27.78
N SER A 59 -12.75 -5.72 27.02
CA SER A 59 -11.96 -5.68 25.80
C SER A 59 -10.45 -5.87 26.08
N LYS A 60 -10.16 -6.53 27.21
CA LYS A 60 -8.82 -7.00 27.56
C LYS A 60 -8.83 -8.53 27.54
N VAL A 61 -9.46 -9.11 26.51
CA VAL A 61 -9.80 -10.54 26.49
C VAL A 61 -9.98 -11.12 25.05
N ASN A 62 -9.28 -12.24 24.79
CA ASN A 62 -9.57 -13.20 23.69
C ASN A 62 -8.93 -14.56 24.09
N PRO A 63 -9.56 -15.31 25.01
CA PRO A 63 -8.91 -16.38 25.77
C PRO A 63 -8.68 -17.74 25.08
N ALA A 64 -7.48 -18.29 25.24
CA ALA A 64 -7.13 -19.61 24.70
C ALA A 64 -6.89 -20.60 25.85
N THR A 65 -7.71 -21.65 25.94
CA THR A 65 -7.54 -22.65 27.02
C THR A 65 -6.20 -23.36 26.88
N GLY A 66 -5.56 -23.64 28.01
CA GLY A 66 -4.21 -24.21 28.03
C GLY A 66 -3.24 -23.29 28.76
N PRO A 67 -1.93 -23.40 28.47
CA PRO A 67 -1.29 -24.27 27.47
C PRO A 67 -1.06 -25.69 27.95
N VAL A 68 -0.91 -26.61 27.00
CA VAL A 68 -0.70 -28.03 27.30
C VAL A 68 0.72 -28.50 26.93
N PHE A 69 1.43 -29.09 27.89
CA PHE A 69 2.75 -29.69 27.67
C PHE A 69 2.64 -31.11 27.08
N VAL A 70 3.29 -31.36 25.95
CA VAL A 70 3.25 -32.70 25.33
C VAL A 70 4.60 -33.36 25.46
N ASN A 71 4.63 -34.51 26.12
CA ASN A 71 5.90 -35.15 26.47
C ASN A 71 6.77 -35.49 25.26
N GLY A 72 8.03 -35.05 25.32
CA GLY A 72 9.04 -35.42 24.35
C GLY A 72 9.10 -34.54 23.12
N VAL A 73 8.11 -33.67 22.93
CA VAL A 73 8.14 -32.72 21.83
C VAL A 73 9.27 -31.73 22.07
N LYS A 74 10.09 -31.50 21.04
CA LYS A 74 11.21 -30.56 21.16
C LYS A 74 11.13 -29.44 20.10
N PRO A 75 11.79 -28.30 20.37
CA PRO A 75 11.91 -27.26 19.36
C PRO A 75 12.45 -27.81 18.05
N GLY A 76 11.87 -27.35 16.94
CA GLY A 76 12.18 -27.91 15.64
C GLY A 76 11.34 -29.14 15.32
N ASP A 77 10.46 -29.56 16.23
CA ASP A 77 9.46 -30.57 15.89
C ASP A 77 8.23 -29.90 15.29
N THR A 78 7.30 -30.75 14.88
CA THR A 78 5.96 -30.35 14.50
C THR A 78 4.96 -31.02 15.43
N LEU A 79 4.14 -30.22 16.09
CA LEU A 79 3.04 -30.70 16.90
C LEU A 79 1.90 -30.95 15.94
N LYS A 80 1.21 -32.07 16.08
CA LYS A 80 0.07 -32.40 15.20
C LYS A 80 -1.18 -32.48 16.04
N VAL A 81 -2.19 -31.68 15.72
CA VAL A 81 -3.43 -31.65 16.49
C VAL A 81 -4.59 -32.04 15.59
N ARG A 82 -5.15 -33.24 15.79
CA ARG A 82 -6.28 -33.71 14.98
C ARG A 82 -7.57 -33.27 15.64
N ILE A 83 -8.42 -32.56 14.91
CA ILE A 83 -9.64 -32.02 15.52
C ILE A 83 -10.73 -33.08 15.39
N LYS A 84 -11.08 -33.71 16.50
CA LYS A 84 -12.01 -34.83 16.48
C LYS A 84 -13.45 -34.35 16.55
N ARG A 85 -13.70 -33.37 17.40
CA ARG A 85 -15.07 -32.99 17.68
C ARG A 85 -15.10 -31.54 18.18
N ILE A 86 -16.04 -30.75 17.64
CA ILE A 86 -16.33 -29.39 18.10
C ILE A 86 -17.80 -29.35 18.54
N GLU A 87 -18.06 -29.35 19.85
CA GLU A 87 -19.44 -29.33 20.35
C GLU A 87 -19.86 -27.89 20.59
N LEU A 88 -20.90 -27.45 19.89
CA LEU A 88 -21.31 -26.05 19.88
C LEU A 88 -22.57 -25.84 20.72
N PRO A 89 -22.80 -24.61 21.22
CA PRO A 89 -24.03 -24.28 21.93
C PRO A 89 -25.11 -23.86 20.93
N ARG A 90 -26.25 -23.42 21.44
CA ARG A 90 -27.39 -23.09 20.59
C ARG A 90 -27.54 -21.60 20.35
N ARG A 91 -26.58 -20.83 20.86
CA ARG A 91 -26.62 -19.37 20.77
C ARG A 91 -25.23 -18.84 20.45
N GLY A 92 -25.18 -17.81 19.61
CA GLY A 92 -23.92 -17.20 19.23
C GLY A 92 -24.03 -15.69 19.22
N MSE A 93 -22.90 -15.03 19.07
CA MSE A 93 -22.79 -13.58 19.22
C MSE A 93 -21.93 -13.05 18.08
O MSE A 93 -20.84 -13.56 17.86
CB MSE A 93 -22.10 -13.28 20.55
CG MSE A 93 -22.28 -11.87 21.07
SE MSE A 93 -24.08 -11.54 21.71
CE MSE A 93 -24.38 -13.19 22.90
N ILE A 94 -22.41 -12.05 17.35
CA ILE A 94 -21.54 -11.34 16.40
C ILE A 94 -21.47 -9.85 16.75
N VAL A 95 -20.32 -9.24 16.54
CA VAL A 95 -20.11 -7.84 16.90
C VAL A 95 -19.37 -7.05 15.85
N THR A 96 -19.76 -5.80 15.71
CA THR A 96 -19.04 -4.88 14.83
C THR A 96 -19.27 -3.43 15.30
N GLY A 97 -18.57 -2.50 14.68
CA GLY A 97 -18.66 -1.07 15.06
C GLY A 97 -17.50 -0.26 14.51
N LYS A 98 -17.48 1.02 14.84
CA LYS A 98 -16.44 1.94 14.36
C LYS A 98 -15.06 1.37 14.66
N GLY A 99 -14.17 1.50 13.69
CA GLY A 99 -12.80 1.09 13.85
C GLY A 99 -12.57 -0.40 13.79
N PHE A 100 -13.60 -1.18 13.48
CA PHE A 100 -13.49 -2.65 13.47
C PHE A 100 -13.73 -3.23 12.10
N GLY A 101 -12.86 -4.16 11.72
CA GLY A 101 -13.01 -4.85 10.44
C GLY A 101 -12.57 -4.00 9.27
N VAL A 102 -12.75 -4.56 8.09
CA VAL A 102 -12.26 -3.97 6.83
C VAL A 102 -12.83 -2.59 6.51
N LEU A 103 -14.05 -2.31 6.94
CA LEU A 103 -14.69 -1.02 6.67
C LEU A 103 -15.03 -0.31 7.97
N GLY A 104 -14.14 -0.46 8.95
CA GLY A 104 -14.31 0.16 10.25
C GLY A 104 -14.07 1.65 10.24
N ASP A 105 -13.31 2.12 9.27
CA ASP A 105 -13.13 3.56 9.04
C ASP A 105 -14.32 4.13 8.25
N GLU A 106 -15.49 3.52 8.40
CA GLU A 106 -16.65 3.83 7.55
C GLU A 106 -18.00 3.45 8.18
N VAL A 107 -17.96 2.85 9.38
CA VAL A 107 -19.15 2.39 10.10
C VAL A 107 -19.19 3.09 11.44
N GLU A 108 -20.39 3.36 11.95
CA GLU A 108 -20.53 4.05 13.22
C GLU A 108 -21.12 3.14 14.31
N GLY A 109 -20.98 3.60 15.54
CA GLY A 109 -21.56 2.94 16.70
C GLY A 109 -20.83 1.68 17.10
N PHE A 110 -21.48 0.91 17.96
CA PHE A 110 -21.03 -0.41 18.33
C PHE A 110 -22.25 -1.34 18.34
N HIS A 111 -22.17 -2.46 17.62
CA HIS A 111 -23.34 -3.31 17.39
C HIS A 111 -23.07 -4.77 17.70
N THR A 112 -24.07 -5.45 18.25
CA THR A 112 -23.95 -6.86 18.64
C THR A 112 -25.25 -7.57 18.28
N LYS A 113 -25.18 -8.80 17.82
CA LYS A 113 -26.40 -9.51 17.47
C LYS A 113 -26.32 -10.95 17.92
N GLU A 114 -27.34 -11.39 18.64
CA GLU A 114 -27.46 -12.79 19.03
C GLU A 114 -27.94 -13.60 17.84
N LEU A 115 -27.41 -14.81 17.72
CA LEU A 115 -27.66 -15.67 16.59
C LEU A 115 -28.05 -17.06 17.07
N GLU A 116 -29.16 -17.58 16.53
CA GLU A 116 -29.57 -18.94 16.85
C GLU A 116 -28.76 -19.93 16.03
N ILE A 117 -28.29 -21.00 16.67
CA ILE A 117 -27.55 -22.08 15.99
C ILE A 117 -28.40 -23.35 16.01
N GLU A 118 -28.81 -23.82 14.83
CA GLU A 118 -29.46 -25.12 14.69
C GLU A 118 -28.38 -26.13 14.34
N LYS A 119 -28.76 -27.38 14.10
CA LYS A 119 -27.78 -28.41 13.80
C LYS A 119 -27.01 -28.10 12.52
N TRP A 120 -27.72 -27.63 11.50
CA TRP A 120 -27.11 -27.44 10.19
C TRP A 120 -26.89 -25.99 9.76
N ALA A 121 -27.42 -25.03 10.52
CA ALA A 121 -27.46 -23.63 10.10
C ALA A 121 -27.37 -22.65 11.26
N VAL A 122 -26.63 -21.56 11.04
CA VAL A 122 -26.73 -20.39 11.88
C VAL A 122 -27.85 -19.58 11.25
N LEU A 123 -28.73 -19.03 12.06
CA LEU A 123 -29.82 -18.21 11.56
C LEU A 123 -29.49 -16.73 11.75
N PHE A 124 -29.70 -15.97 10.69
CA PHE A 124 -29.43 -14.53 10.66
C PHE A 124 -30.66 -13.83 10.07
N ASP A 125 -31.51 -13.32 10.98
CA ASP A 125 -32.85 -12.87 10.61
C ASP A 125 -33.46 -13.96 9.74
N GLY A 126 -33.83 -13.67 8.50
CA GLY A 126 -34.41 -14.72 7.67
C GLY A 126 -33.44 -15.78 7.12
N VAL A 127 -32.14 -15.65 7.34
CA VAL A 127 -31.18 -16.39 6.53
C VAL A 127 -30.60 -17.61 7.25
N ARG A 128 -30.45 -18.71 6.50
CA ARG A 128 -29.86 -19.94 7.01
C ARG A 128 -28.46 -20.09 6.47
N ILE A 129 -27.47 -19.64 7.24
CA ILE A 129 -26.08 -19.78 6.83
C ILE A 129 -25.65 -21.20 7.20
N PRO A 130 -25.12 -21.97 6.24
CA PRO A 130 -24.67 -23.34 6.54
C PRO A 130 -23.64 -23.35 7.67
N ILE A 131 -23.80 -24.30 8.59
CA ILE A 131 -22.95 -24.35 9.75
C ILE A 131 -21.54 -24.74 9.29
N HIS A 132 -20.54 -24.26 10.00
CA HIS A 132 -19.15 -24.54 9.64
C HIS A 132 -18.24 -24.33 10.86
N PRO A 133 -18.29 -25.29 11.78
CA PRO A 133 -17.56 -25.11 13.02
C PRO A 133 -16.06 -25.07 12.80
N MSE A 134 -15.40 -24.19 13.53
CA MSE A 134 -13.98 -23.98 13.36
C MSE A 134 -13.34 -23.44 14.64
O MSE A 134 -14.00 -22.78 15.44
CB MSE A 134 -13.74 -22.99 12.23
CG MSE A 134 -14.56 -21.75 12.35
SE MSE A 134 -13.93 -20.35 11.23
CE MSE A 134 -12.18 -20.07 12.05
N VAL A 135 -12.06 -23.75 14.80
CA VAL A 135 -11.30 -23.22 15.92
C VAL A 135 -10.51 -22.06 15.34
N GLY A 136 -10.77 -20.85 15.83
CA GLY A 136 -10.13 -19.64 15.30
C GLY A 136 -8.78 -19.26 15.91
N VAL A 137 -8.55 -19.63 17.17
CA VAL A 137 -7.26 -19.42 17.79
C VAL A 137 -6.66 -20.79 18.10
N ILE A 138 -5.48 -21.03 17.56
CA ILE A 138 -4.73 -22.22 17.89
C ILE A 138 -3.26 -21.94 17.68
N GLY A 139 -2.47 -22.26 18.68
CA GLY A 139 -1.06 -21.92 18.66
C GLY A 139 -0.24 -22.56 19.76
N VAL A 140 1.06 -22.32 19.68
CA VAL A 140 2.02 -22.83 20.62
C VAL A 140 2.97 -21.70 21.05
N ALA A 141 3.85 -22.01 21.99
CA ALA A 141 4.78 -21.03 22.52
C ALA A 141 5.75 -20.58 21.41
N PRO A 142 5.91 -19.26 21.22
CA PRO A 142 6.85 -18.77 20.22
C PRO A 142 8.30 -18.91 20.68
N GLN A 143 9.21 -18.59 19.78
CA GLN A 143 10.65 -18.61 20.05
C GLN A 143 11.02 -17.66 21.19
N GLU A 144 10.61 -16.40 21.06
CA GLU A 144 10.93 -15.37 22.07
C GLU A 144 9.77 -14.38 22.29
N GLY A 145 9.72 -13.78 23.49
CA GLY A 145 8.73 -12.75 23.78
C GLY A 145 7.33 -13.27 23.86
N GLU A 146 6.37 -12.42 23.52
CA GLU A 146 4.96 -12.80 23.54
C GLU A 146 4.14 -12.11 22.45
N TYR A 147 3.16 -12.84 21.93
CA TYR A 147 2.22 -12.30 20.94
C TYR A 147 0.82 -12.45 21.54
N PRO A 148 0.05 -11.35 21.63
CA PRO A 148 -1.32 -11.47 22.09
C PRO A 148 -2.07 -12.54 21.34
N THR A 149 -3.03 -13.19 22.00
CA THR A 149 -3.87 -14.21 21.36
C THR A 149 -4.78 -13.62 20.26
N GLY A 150 -4.87 -12.29 20.19
CA GLY A 150 -5.64 -11.62 19.15
C GLY A 150 -4.90 -11.44 17.83
N THR A 151 -3.61 -11.78 17.80
CA THR A 151 -2.83 -11.77 16.56
C THR A 151 -2.23 -13.17 16.26
N ALA A 152 -1.45 -13.27 15.18
CA ALA A 152 -0.86 -14.55 14.75
C ALA A 152 0.50 -14.38 14.07
N HIS A 153 1.28 -15.46 14.07
CA HIS A 153 2.57 -15.52 13.38
C HIS A 153 2.87 -17.01 13.14
N ARG A 154 4.14 -17.39 13.17
CA ARG A 154 4.54 -18.76 12.84
C ARG A 154 4.09 -19.78 13.89
N HIS A 155 3.95 -19.34 15.13
CA HIS A 155 3.55 -20.22 16.22
C HIS A 155 2.05 -20.53 16.21
N GLY A 156 1.30 -19.86 15.35
CA GLY A 156 -0.15 -19.96 15.30
C GLY A 156 -0.76 -18.70 15.87
N GLY A 157 -1.98 -18.82 16.37
CA GLY A 157 -2.67 -17.67 16.96
C GLY A 157 -4.04 -17.48 16.35
N ASN A 158 -4.47 -16.22 16.30
CA ASN A 158 -5.78 -15.83 15.80
C ASN A 158 -5.78 -15.85 14.26
N MSE A 159 -5.84 -17.05 13.70
CA MSE A 159 -5.67 -17.26 12.26
C MSE A 159 -7.00 -17.27 11.52
O MSE A 159 -7.04 -17.26 10.28
CB MSE A 159 -4.92 -18.58 11.99
CG MSE A 159 -3.44 -18.58 12.39
SE MSE A 159 -2.66 -20.38 12.13
CE MSE A 159 -3.62 -21.40 13.48
N ASP A 160 -8.08 -17.32 12.29
CA ASP A 160 -9.44 -17.44 11.76
C ASP A 160 -9.48 -18.10 10.39
N THR A 161 -8.87 -19.28 10.30
CA THR A 161 -8.93 -20.10 9.09
C THR A 161 -10.08 -21.11 9.17
N LYS A 162 -11.06 -21.02 8.28
CA LYS A 162 -12.20 -21.94 8.32
C LYS A 162 -11.86 -23.38 7.99
N GLU A 163 -10.68 -23.62 7.43
CA GLU A 163 -10.27 -24.99 7.14
C GLU A 163 -9.98 -25.81 8.40
N ILE A 164 -9.71 -25.12 9.50
CA ILE A 164 -9.48 -25.78 10.78
C ILE A 164 -10.82 -26.19 11.39
N THR A 165 -11.37 -27.29 10.88
CA THR A 165 -12.67 -27.79 11.29
C THR A 165 -12.46 -29.19 11.82
N GLU A 166 -13.56 -29.88 12.12
CA GLU A 166 -13.52 -31.30 12.45
C GLU A 166 -12.91 -32.11 11.34
N ASN A 167 -12.13 -33.10 11.73
CA ASN A 167 -11.59 -34.05 10.79
C ASN A 167 -10.47 -33.51 9.93
N VAL A 168 -9.66 -32.62 10.50
CA VAL A 168 -8.41 -32.18 9.90
C VAL A 168 -7.32 -32.28 10.96
N THR A 169 -6.07 -32.18 10.51
CA THR A 169 -4.91 -32.11 11.39
C THR A 169 -4.17 -30.80 11.20
N VAL A 170 -4.12 -29.98 12.24
CA VAL A 170 -3.27 -28.79 12.25
C VAL A 170 -1.83 -29.17 12.62
N HIS A 171 -0.90 -28.91 11.71
CA HIS A 171 0.52 -29.04 11.99
C HIS A 171 1.07 -27.68 12.45
N LEU A 172 1.77 -27.66 13.58
CA LEU A 172 2.35 -26.41 14.12
C LEU A 172 3.83 -26.58 14.43
N PRO A 173 4.65 -25.59 14.05
CA PRO A 173 6.07 -25.64 14.38
C PRO A 173 6.25 -25.39 15.86
N VAL A 174 7.23 -26.06 16.46
CA VAL A 174 7.42 -26.03 17.89
C VAL A 174 8.65 -25.19 18.19
N PHE A 175 8.57 -24.35 19.21
CA PHE A 175 9.71 -23.51 19.62
C PHE A 175 10.17 -23.75 21.03
N GLN A 176 9.29 -24.24 21.90
CA GLN A 176 9.63 -24.56 23.28
C GLN A 176 9.43 -26.03 23.56
N GLU A 177 10.19 -26.57 24.51
CA GLU A 177 9.98 -27.93 24.96
C GLU A 177 8.53 -28.12 25.40
N GLY A 178 7.93 -29.23 24.98
CA GLY A 178 6.58 -29.57 25.37
C GLY A 178 5.55 -28.93 24.47
N ALA A 179 5.98 -28.00 23.61
CA ALA A 179 5.11 -27.25 22.67
C ALA A 179 4.29 -26.14 23.34
N LEU A 180 3.56 -26.48 24.40
CA LEU A 180 2.68 -25.55 25.11
C LEU A 180 1.54 -25.07 24.18
N LEU A 181 0.63 -26.00 23.93
CA LEU A 181 -0.49 -25.81 23.01
C LEU A 181 -1.65 -25.13 23.73
N ALA A 182 -2.21 -24.09 23.12
CA ALA A 182 -3.41 -23.43 23.64
C ALA A 182 -4.39 -23.18 22.52
N LEU A 183 -5.67 -23.05 22.86
CA LEU A 183 -6.73 -23.07 21.87
C LEU A 183 -8.05 -22.46 22.37
N GLY A 184 -8.72 -21.77 21.46
CA GLY A 184 -9.92 -21.01 21.77
C GLY A 184 -10.46 -20.31 20.52
N ASP A 185 -11.38 -19.37 20.73
CA ASP A 185 -11.99 -18.57 19.65
C ASP A 185 -12.74 -19.45 18.65
N VAL A 186 -13.60 -20.32 19.16
CA VAL A 186 -14.42 -21.18 18.32
C VAL A 186 -15.56 -20.37 17.71
N HIS A 187 -15.82 -20.65 16.43
CA HIS A 187 -16.92 -20.05 15.66
C HIS A 187 -17.88 -21.12 15.19
N ALA A 188 -19.17 -20.77 15.10
CA ALA A 188 -20.19 -21.69 14.60
C ALA A 188 -20.19 -21.66 13.07
N THR A 189 -19.84 -20.50 12.52
CA THR A 189 -19.69 -20.32 11.09
C THR A 189 -18.97 -19.00 10.82
N MSE A 190 -18.49 -18.86 9.58
CA MSE A 190 -17.66 -17.73 9.16
C MSE A 190 -17.46 -17.77 7.65
O MSE A 190 -17.47 -18.84 7.05
CB MSE A 190 -16.29 -17.80 9.84
CG MSE A 190 -15.51 -16.49 9.80
SE MSE A 190 -13.66 -16.72 10.35
CE MSE A 190 -13.13 -17.83 8.83
N GLY A 191 -17.30 -16.60 7.04
CA GLY A 191 -16.83 -16.52 5.66
C GLY A 191 -15.39 -16.03 5.65
N ASP A 192 -14.61 -16.52 4.68
CA ASP A 192 -13.24 -16.05 4.46
C ASP A 192 -13.20 -14.54 4.36
N GLY A 193 -12.28 -13.94 5.11
CA GLY A 193 -12.16 -12.49 5.24
C GLY A 193 -12.57 -12.00 6.63
N GLU A 194 -13.59 -12.66 7.19
CA GLU A 194 -14.14 -12.25 8.49
C GLU A 194 -14.28 -10.74 8.59
N VAL A 195 -14.81 -10.14 7.54
CA VAL A 195 -14.69 -8.69 7.27
C VAL A 195 -15.25 -7.72 8.32
N CYS A 196 -16.17 -8.16 9.20
CA CYS A 196 -16.71 -7.24 10.23
C CYS A 196 -15.91 -7.24 11.54
N VAL A 197 -14.88 -8.09 11.58
CA VAL A 197 -13.98 -8.32 12.72
C VAL A 197 -14.30 -9.63 13.43
N SER A 198 -15.59 -9.98 13.48
CA SER A 198 -16.03 -11.18 14.17
C SER A 198 -16.84 -12.12 13.28
N ALA A 199 -16.91 -13.38 13.71
CA ALA A 199 -17.81 -14.36 13.12
C ALA A 199 -18.89 -14.63 14.16
N CYS A 200 -19.56 -15.79 14.08
CA CYS A 200 -20.48 -16.22 15.12
C CYS A 200 -19.72 -16.80 16.33
N GLU A 201 -19.35 -15.92 17.27
CA GLU A 201 -18.51 -16.32 18.41
C GLU A 201 -19.31 -17.16 19.40
N VAL A 202 -18.72 -18.26 19.86
CA VAL A 202 -19.39 -19.15 20.79
C VAL A 202 -18.36 -19.73 21.76
N PRO A 203 -18.81 -20.07 22.98
CA PRO A 203 -18.03 -21.00 23.81
C PRO A 203 -18.25 -22.44 23.30
N ALA A 204 -17.28 -23.32 23.49
CA ALA A 204 -17.35 -24.64 22.90
C ALA A 204 -16.53 -25.62 23.68
N LYS A 205 -16.70 -26.89 23.34
CA LYS A 205 -15.83 -27.97 23.76
C LYS A 205 -15.17 -28.51 22.51
N VAL A 206 -13.85 -28.50 22.47
CA VAL A 206 -13.10 -29.04 21.34
C VAL A 206 -12.31 -30.25 21.79
N VAL A 207 -12.56 -31.39 21.14
CA VAL A 207 -11.87 -32.62 21.43
C VAL A 207 -10.78 -32.78 20.38
N VAL A 208 -9.54 -32.88 20.84
CA VAL A 208 -8.40 -33.04 19.95
C VAL A 208 -7.58 -34.27 20.33
N GLU A 209 -6.72 -34.69 19.40
CA GLU A 209 -5.77 -35.78 19.60
C GLU A 209 -4.42 -35.20 19.25
N ILE A 210 -3.46 -35.30 20.15
CA ILE A 210 -2.19 -34.63 19.98
C ILE A 210 -1.10 -35.64 19.67
N ASP A 211 -0.44 -35.51 18.52
CA ASP A 211 0.75 -36.30 18.20
C ASP A 211 1.89 -35.37 17.78
N VAL A 212 3.03 -35.95 17.42
CA VAL A 212 4.23 -35.19 17.10
C VAL A 212 4.82 -35.74 15.83
N SER A 213 5.57 -34.90 15.15
CA SER A 213 6.40 -35.31 14.02
C SER A 213 7.74 -34.60 14.18
N LYS A 214 8.82 -35.27 13.78
CA LYS A 214 10.17 -34.75 14.01
C LYS A 214 10.66 -33.83 12.89
N GLU A 215 9.87 -33.69 11.84
CA GLU A 215 10.19 -32.78 10.74
C GLU A 215 9.93 -31.32 11.13
N GLU A 216 10.83 -30.42 10.71
CA GLU A 216 10.71 -28.99 10.98
C GLU A 216 9.94 -28.28 9.86
N ILE A 217 9.09 -27.33 10.24
CA ILE A 217 8.35 -26.54 9.26
C ILE A 217 8.43 -25.07 9.65
N LYS A 218 8.16 -24.18 8.72
CA LYS A 218 8.26 -22.75 9.02
C LYS A 218 6.93 -22.22 9.55
N TRP A 219 5.86 -22.44 8.81
CA TRP A 219 4.55 -21.92 9.09
C TRP A 219 3.56 -23.04 9.30
N PRO A 220 2.46 -22.77 10.04
CA PRO A 220 1.41 -23.77 10.22
C PRO A 220 0.86 -24.35 8.93
N VAL A 221 0.36 -25.58 9.01
CA VAL A 221 -0.15 -26.31 7.89
C VAL A 221 -1.36 -27.10 8.37
N VAL A 222 -2.47 -26.95 7.66
CA VAL A 222 -3.68 -27.68 7.95
C VAL A 222 -3.85 -28.77 6.91
N GLU A 223 -3.79 -30.02 7.37
CA GLU A 223 -3.99 -31.17 6.49
C GLU A 223 -5.45 -31.60 6.52
N THR A 224 -6.14 -31.44 5.38
CA THR A 224 -7.47 -32.02 5.17
C THR A 224 -7.33 -33.34 4.44
N ASN A 225 -8.46 -33.95 4.11
CA ASN A 225 -8.46 -35.21 3.37
C ASN A 225 -7.75 -35.17 2.02
N ASP A 226 -7.86 -34.06 1.30
CA ASP A 226 -7.31 -33.98 -0.05
C ASP A 226 -6.35 -32.83 -0.31
N ALA A 227 -6.06 -32.00 0.72
CA ALA A 227 -5.21 -30.83 0.54
C ALA A 227 -4.37 -30.49 1.77
N TYR A 228 -3.23 -29.84 1.51
CA TYR A 228 -2.47 -29.17 2.55
C TYR A 228 -2.74 -27.69 2.39
N TYR A 229 -3.10 -27.03 3.48
CA TYR A 229 -3.27 -25.58 3.45
C TYR A 229 -2.16 -24.98 4.27
N ILE A 230 -1.22 -24.30 3.61
CA ILE A 230 -0.21 -23.52 4.32
C ILE A 230 -0.78 -22.14 4.69
N ILE A 231 -0.54 -21.74 5.94
CA ILE A 231 -1.19 -20.56 6.53
C ILE A 231 -0.17 -19.53 7.03
N VAL A 232 -0.12 -18.36 6.39
CA VAL A 232 0.90 -17.35 6.70
C VAL A 232 0.24 -16.09 7.23
N SER A 233 0.71 -15.62 8.40
CA SER A 233 0.17 -14.43 9.06
C SER A 233 1.24 -13.37 9.22
N LEU A 234 1.09 -12.26 8.51
CA LEU A 234 1.99 -11.12 8.61
C LEU A 234 1.18 -9.84 8.68
N PRO A 235 1.77 -8.73 9.17
CA PRO A 235 1.09 -7.43 9.29
C PRO A 235 0.49 -6.83 8.01
N ASP A 236 1.08 -7.07 6.84
CA ASP A 236 0.46 -6.64 5.57
C ASP A 236 0.15 -7.82 4.65
N ILE A 237 -1.06 -7.82 4.10
CA ILE A 237 -1.58 -8.95 3.35
C ILE A 237 -0.77 -9.24 2.09
N GLU A 238 -0.19 -8.21 1.48
CA GLU A 238 0.63 -8.43 0.29
C GLU A 238 1.85 -9.26 0.66
N GLU A 239 2.49 -8.93 1.78
CA GLU A 239 3.69 -9.66 2.23
C GLU A 239 3.34 -11.13 2.58
N ALA A 240 2.19 -11.33 3.23
CA ALA A 240 1.75 -12.66 3.63
C ALA A 240 1.49 -13.53 2.40
N LEU A 241 0.83 -12.95 1.41
CA LEU A 241 0.68 -13.57 0.08
C LEU A 241 2.00 -13.90 -0.65
N LYS A 242 3.00 -13.05 -0.55
CA LYS A 242 4.28 -13.36 -1.16
C LYS A 242 4.92 -14.53 -0.41
N GLU A 243 4.88 -14.47 0.91
CA GLU A 243 5.47 -15.52 1.72
C GLU A 243 4.82 -16.90 1.51
N VAL A 244 3.50 -16.96 1.45
CA VAL A 244 2.84 -18.27 1.35
C VAL A 244 3.09 -18.88 -0.03
N THR A 245 3.34 -18.02 -1.02
CA THR A 245 3.68 -18.52 -2.36
C THR A 245 5.08 -19.13 -2.36
N ARG A 246 6.03 -18.37 -1.80
CA ARG A 246 7.40 -18.83 -1.62
C ARG A 246 7.41 -20.17 -0.89
N GLU A 247 6.60 -20.28 0.16
CA GLU A 247 6.56 -21.49 0.97
C GLU A 247 5.88 -22.64 0.23
N THR A 248 4.86 -22.33 -0.56
CA THR A 248 4.17 -23.33 -1.35
C THR A 248 5.08 -23.90 -2.44
N VAL A 249 5.84 -23.06 -3.13
CA VAL A 249 6.67 -23.58 -4.19
C VAL A 249 7.73 -24.51 -3.62
N TRP A 250 8.45 -24.06 -2.60
CA TRP A 250 9.42 -24.92 -1.94
C TRP A 250 8.82 -26.23 -1.45
N PHE A 251 7.70 -26.17 -0.74
CA PHE A 251 7.01 -27.36 -0.29
C PHE A 251 6.95 -28.41 -1.40
N ILE A 252 6.49 -27.99 -2.57
CA ILE A 252 6.31 -28.89 -3.69
C ILE A 252 7.67 -29.31 -4.25
N GLN A 253 8.63 -28.39 -4.26
CA GLN A 253 9.96 -28.65 -4.82
C GLN A 253 10.67 -29.76 -4.06
N ARG A 254 10.57 -29.71 -2.73
CA ARG A 254 11.18 -30.73 -1.89
C ARG A 254 10.46 -32.07 -1.95
N ARG A 255 9.14 -32.07 -1.86
CA ARG A 255 8.39 -33.32 -1.84
C ARG A 255 8.47 -34.10 -3.14
N LYS A 256 8.65 -33.41 -4.26
CA LYS A 256 8.67 -34.07 -5.57
C LYS A 256 10.05 -34.12 -6.18
N THR A 257 11.03 -33.44 -5.56
CA THR A 257 12.40 -33.39 -6.06
C THR A 257 12.44 -32.95 -7.52
N ILE A 258 11.82 -31.81 -7.81
CA ILE A 258 11.83 -31.27 -9.16
C ILE A 258 12.47 -29.89 -9.12
N PRO A 259 12.89 -29.38 -10.27
CA PRO A 259 13.47 -28.05 -10.26
C PRO A 259 12.46 -27.04 -9.77
N PHE A 260 12.96 -25.96 -9.17
CA PHE A 260 12.11 -24.91 -8.62
C PHE A 260 11.14 -24.34 -9.67
N THR A 261 11.65 -24.06 -10.87
CA THR A 261 10.80 -23.47 -11.91
C THR A 261 9.64 -24.41 -12.27
N ASP A 262 9.86 -25.72 -12.23
CA ASP A 262 8.77 -26.68 -12.46
C ASP A 262 7.75 -26.59 -11.33
N ALA A 263 8.23 -26.56 -10.07
CA ALA A 263 7.30 -26.42 -8.93
C ALA A 263 6.46 -25.14 -9.05
N TYR A 264 7.12 -24.05 -9.44
CA TYR A 264 6.51 -22.73 -9.66
C TYR A 264 5.40 -22.85 -10.71
N MSE A 265 5.71 -23.48 -11.83
CA MSE A 265 4.69 -23.73 -12.84
C MSE A 265 3.55 -24.60 -12.30
O MSE A 265 2.38 -24.29 -12.47
CB MSE A 265 5.33 -24.38 -14.07
CG MSE A 265 6.16 -23.40 -14.86
SE MSE A 265 7.03 -24.13 -16.44
CE MSE A 265 7.32 -22.41 -17.34
N LEU A 266 3.90 -25.67 -11.59
CA LEU A 266 2.90 -26.55 -11.01
C LEU A 266 1.94 -25.85 -10.06
N ALA A 267 2.46 -24.91 -9.28
CA ALA A 267 1.62 -24.16 -8.31
C ALA A 267 0.68 -23.18 -9.02
N SER A 268 1.08 -22.72 -10.20
CA SER A 268 0.26 -21.81 -10.97
C SER A 268 -0.97 -22.56 -11.51
N LEU A 269 -0.79 -23.85 -11.77
CA LEU A 269 -1.83 -24.68 -12.38
C LEU A 269 -2.76 -25.31 -11.35
N SER A 270 -2.22 -25.67 -10.18
CA SER A 270 -2.95 -26.50 -9.20
C SER A 270 -3.14 -25.90 -7.79
N VAL A 271 -2.40 -24.86 -7.44
CA VAL A 271 -2.50 -24.29 -6.10
C VAL A 271 -3.40 -23.08 -6.08
N ASP A 272 -4.34 -23.08 -5.15
CA ASP A 272 -5.27 -21.96 -4.94
C ASP A 272 -4.84 -21.10 -3.76
N VAL A 273 -4.27 -19.94 -4.05
CA VAL A 273 -3.94 -18.94 -3.04
C VAL A 273 -5.21 -18.23 -2.60
N GLY A 274 -5.31 -17.95 -1.29
CA GLY A 274 -6.50 -17.32 -0.73
C GLY A 274 -6.28 -16.48 0.51
N ILE A 275 -7.38 -16.20 1.21
CA ILE A 275 -7.40 -15.28 2.35
C ILE A 275 -8.17 -15.96 3.48
N SER A 276 -7.63 -15.90 4.70
CA SER A 276 -8.32 -16.38 5.87
C SER A 276 -9.03 -15.21 6.52
N GLN A 277 -8.28 -14.19 6.92
CA GLN A 277 -8.90 -13.00 7.50
C GLN A 277 -8.09 -11.75 7.23
N LEU A 278 -8.78 -10.60 7.25
CA LEU A 278 -8.22 -9.31 6.87
C LEU A 278 -8.31 -8.26 8.00
N VAL A 279 -8.52 -8.72 9.23
CA VAL A 279 -9.01 -7.84 10.30
C VAL A 279 -8.21 -7.82 11.60
N ASN A 280 -7.25 -8.72 11.75
CA ASN A 280 -6.43 -8.80 12.97
C ASN A 280 -5.15 -8.04 12.70
N PRO A 281 -4.37 -7.74 13.75
CA PRO A 281 -3.11 -6.99 13.51
C PRO A 281 -2.22 -7.66 12.46
N ALA A 282 -2.18 -8.98 12.47
CA ALA A 282 -1.56 -9.77 11.39
C ALA A 282 -2.66 -10.31 10.48
N LYS A 283 -2.45 -10.19 9.18
CA LYS A 283 -3.41 -10.67 8.18
C LYS A 283 -3.04 -12.09 7.77
N THR A 284 -4.02 -12.95 7.57
CA THR A 284 -3.77 -14.35 7.30
C THR A 284 -4.12 -14.75 5.84
N ALA A 285 -3.09 -15.12 5.09
CA ALA A 285 -3.22 -15.70 3.76
C ALA A 285 -3.01 -17.22 3.81
N LYS A 286 -3.55 -17.92 2.83
CA LYS A 286 -3.38 -19.38 2.75
C LYS A 286 -3.21 -19.86 1.33
N ALA A 287 -2.74 -21.09 1.19
CA ALA A 287 -2.51 -21.70 -0.11
C ALA A 287 -2.92 -23.18 -0.04
N ARG A 288 -3.90 -23.57 -0.87
CA ARG A 288 -4.36 -24.94 -0.92
C ARG A 288 -3.48 -25.73 -1.87
N ILE A 289 -2.80 -26.76 -1.36
CA ILE A 289 -1.95 -27.62 -2.17
C ILE A 289 -2.54 -29.04 -2.21
N PRO A 290 -3.16 -29.42 -3.35
CA PRO A 290 -3.82 -30.72 -3.38
C PRO A 290 -2.90 -31.91 -3.32
N LYS A 291 -3.34 -32.93 -2.58
CA LYS A 291 -2.58 -34.16 -2.42
C LYS A 291 -2.42 -34.92 -3.72
N TYR A 292 -3.32 -34.71 -4.68
CA TYR A 292 -3.21 -35.38 -5.98
C TYR A 292 -1.87 -35.10 -6.69
N ILE A 293 -1.23 -33.96 -6.38
CA ILE A 293 0.02 -33.65 -7.04
C ILE A 293 1.14 -34.61 -6.56
N PHE A 294 0.95 -35.22 -5.39
CA PHE A 294 1.94 -36.16 -4.89
C PHE A 294 1.51 -37.63 -5.06
N THR A 295 0.20 -37.90 -5.21
CA THR A 295 -0.34 -39.28 -5.24
C THR A 295 -0.65 -39.80 -6.65
N HIS B 12 -27.10 -17.48 -37.11
CA HIS B 12 -27.15 -18.78 -37.83
C HIS B 12 -25.82 -19.20 -38.48
N MSE B 13 -24.76 -19.48 -37.71
CA MSE B 13 -24.47 -18.90 -36.38
C MSE B 13 -23.16 -18.12 -36.51
O MSE B 13 -22.20 -18.57 -37.16
CB MSE B 13 -24.30 -19.96 -35.29
CG MSE B 13 -24.10 -19.35 -33.88
SE MSE B 13 -23.35 -20.55 -32.48
CE MSE B 13 -24.45 -22.19 -32.86
N LYS B 14 -23.11 -16.97 -35.86
CA LYS B 14 -22.01 -16.02 -36.04
C LYS B 14 -20.69 -16.49 -35.42
N VAL B 15 -19.61 -16.40 -36.21
CA VAL B 15 -18.27 -16.79 -35.79
C VAL B 15 -17.29 -15.65 -36.00
N VAL B 16 -16.68 -15.16 -34.94
CA VAL B 16 -15.60 -14.18 -35.09
C VAL B 16 -14.24 -14.90 -35.13
N PRO B 17 -13.53 -14.80 -36.27
CA PRO B 17 -12.27 -15.52 -36.35
C PRO B 17 -11.20 -14.83 -35.52
N ALA B 18 -10.14 -15.57 -35.18
CA ALA B 18 -9.10 -15.09 -34.27
C ALA B 18 -8.24 -13.99 -34.87
N GLN B 19 -8.21 -13.88 -36.20
CA GLN B 19 -7.44 -12.83 -36.89
C GLN B 19 -7.97 -11.42 -36.64
N ARG B 20 -9.22 -11.32 -36.22
CA ARG B 20 -9.86 -10.04 -35.92
C ARG B 20 -9.88 -9.85 -34.41
N CYS B 21 -8.97 -9.03 -33.90
CA CYS B 21 -8.77 -8.89 -32.48
C CYS B 21 -8.14 -7.55 -32.09
N VAL B 22 -8.01 -7.33 -30.78
CA VAL B 22 -7.42 -6.10 -30.25
C VAL B 22 -6.38 -6.45 -29.18
N TYR B 23 -5.44 -5.54 -28.94
CA TYR B 23 -4.45 -5.70 -27.86
C TYR B 23 -4.70 -4.66 -26.79
N SER B 24 -5.82 -3.95 -26.91
CA SER B 24 -6.25 -2.95 -25.95
C SER B 24 -7.76 -2.87 -25.97
N PHE B 25 -8.36 -2.66 -24.82
CA PHE B 25 -9.73 -2.17 -24.78
C PHE B 25 -9.65 -0.65 -24.82
N SER B 26 -10.03 -0.06 -25.95
CA SER B 26 -10.07 1.39 -26.11
C SER B 26 -11.51 1.87 -26.20
N ALA B 27 -11.71 3.14 -25.86
CA ALA B 27 -13.01 3.76 -25.95
C ALA B 27 -13.47 3.87 -27.42
N ASN B 28 -12.52 3.92 -28.33
CA ASN B 28 -12.80 4.13 -29.75
C ASN B 28 -12.44 2.96 -30.66
N MSE B 29 -12.26 1.76 -30.12
CA MSE B 29 -12.04 0.59 -30.99
C MSE B 29 -13.28 0.30 -31.85
O MSE B 29 -14.42 0.44 -31.38
CB MSE B 29 -11.64 -0.67 -30.20
CG MSE B 29 -12.61 -1.06 -29.11
SE MSE B 29 -11.91 -2.46 -27.96
CE MSE B 29 -13.32 -2.50 -26.68
N ALA B 30 -13.05 -0.09 -33.11
CA ALA B 30 -14.13 -0.32 -34.07
C ALA B 30 -14.66 -1.76 -33.94
N PRO B 31 -15.99 -1.95 -34.01
CA PRO B 31 -16.48 -3.31 -33.95
C PRO B 31 -16.09 -4.08 -35.20
N VAL B 32 -16.05 -5.40 -35.12
CA VAL B 32 -15.75 -6.26 -36.28
C VAL B 32 -16.93 -7.17 -36.61
N GLU B 33 -18.03 -6.98 -35.90
CA GLU B 33 -19.22 -7.82 -36.03
C GLU B 33 -20.30 -7.19 -35.18
N GLU B 34 -21.55 -7.46 -35.50
CA GLU B 34 -22.65 -6.97 -34.68
C GLU B 34 -23.70 -8.02 -34.43
N VAL B 35 -24.35 -7.91 -33.27
CA VAL B 35 -25.22 -8.93 -32.73
C VAL B 35 -26.44 -8.29 -32.04
N TYR B 36 -27.55 -9.01 -31.98
CA TYR B 36 -28.67 -8.58 -31.14
C TYR B 36 -28.63 -9.32 -29.84
N PRO B 37 -29.18 -8.72 -28.77
CA PRO B 37 -29.38 -9.47 -27.54
C PRO B 37 -30.20 -10.72 -27.80
N GLY B 38 -29.80 -11.83 -27.19
CA GLY B 38 -30.43 -13.12 -27.39
C GLY B 38 -29.66 -14.03 -28.30
N GLU B 39 -28.70 -13.48 -29.06
CA GLU B 39 -27.94 -14.23 -30.08
C GLU B 39 -26.71 -14.90 -29.53
N GLN B 40 -26.38 -16.05 -30.10
CA GLN B 40 -25.16 -16.78 -29.78
C GLN B 40 -24.05 -16.42 -30.73
N VAL B 41 -22.86 -16.21 -30.19
CA VAL B 41 -21.69 -15.88 -30.98
C VAL B 41 -20.57 -16.86 -30.61
N VAL B 42 -19.73 -17.22 -31.58
CA VAL B 42 -18.55 -18.02 -31.33
C VAL B 42 -17.33 -17.11 -31.46
N PHE B 43 -16.50 -17.07 -30.43
CA PHE B 43 -15.21 -16.42 -30.50
C PHE B 43 -14.11 -17.47 -30.67
N GLU B 44 -13.44 -17.45 -31.81
CA GLU B 44 -12.26 -18.28 -32.00
C GLU B 44 -11.10 -17.49 -31.45
N THR B 45 -10.42 -18.01 -30.43
CA THR B 45 -9.36 -17.28 -29.75
C THR B 45 -7.98 -17.84 -30.05
N LEU B 46 -6.97 -16.96 -30.10
CA LEU B 46 -5.57 -17.36 -30.04
C LEU B 46 -5.16 -17.47 -28.58
N ASP B 47 -4.05 -18.16 -28.31
CA ASP B 47 -3.48 -18.20 -26.96
C ASP B 47 -2.80 -16.87 -26.59
N ALA B 48 -2.60 -16.65 -25.29
CA ALA B 48 -2.07 -15.38 -24.83
C ALA B 48 -0.67 -15.07 -25.34
N LEU B 49 0.08 -16.09 -25.76
CA LEU B 49 1.46 -15.90 -26.23
C LEU B 49 1.55 -16.12 -27.74
N VAL B 61 1.62 -8.55 -27.21
CA VAL B 61 0.58 -9.44 -27.72
C VAL B 61 -0.09 -10.32 -26.64
N ASN B 62 -1.34 -10.00 -26.27
CA ASN B 62 -2.23 -10.89 -25.48
C ASN B 62 -3.65 -10.71 -26.04
N PRO B 63 -3.93 -11.34 -27.19
CA PRO B 63 -5.02 -10.92 -28.06
C PRO B 63 -6.42 -11.36 -27.65
N ALA B 64 -7.38 -10.47 -27.84
CA ALA B 64 -8.77 -10.71 -27.54
C ALA B 64 -9.56 -10.58 -28.85
N THR B 65 -10.24 -11.66 -29.23
CA THR B 65 -11.07 -11.69 -30.41
C THR B 65 -12.22 -10.72 -30.23
N GLY B 66 -12.52 -9.95 -31.27
CA GLY B 66 -13.55 -8.91 -31.23
C GLY B 66 -12.99 -7.55 -31.63
N PRO B 67 -13.66 -6.44 -31.24
CA PRO B 67 -14.87 -6.38 -30.39
C PRO B 67 -16.20 -6.57 -31.13
N VAL B 68 -17.19 -7.12 -30.42
CA VAL B 68 -18.53 -7.32 -30.96
C VAL B 68 -19.46 -6.19 -30.51
N PHE B 69 -20.23 -5.63 -31.46
CA PHE B 69 -21.19 -4.55 -31.17
C PHE B 69 -22.54 -5.17 -30.92
N VAL B 70 -23.07 -4.99 -29.72
CA VAL B 70 -24.36 -5.53 -29.35
C VAL B 70 -25.39 -4.41 -29.48
N ASN B 71 -26.24 -4.51 -30.49
CA ASN B 71 -27.31 -3.54 -30.74
C ASN B 71 -28.21 -3.39 -29.53
N GLY B 72 -28.60 -2.17 -29.23
CA GLY B 72 -29.52 -1.92 -28.15
C GLY B 72 -28.90 -1.84 -26.76
N VAL B 73 -27.57 -1.85 -26.66
CA VAL B 73 -26.88 -1.65 -25.39
C VAL B 73 -26.25 -0.25 -25.32
N LYS B 74 -26.65 0.54 -24.32
CA LYS B 74 -26.19 1.92 -24.15
C LYS B 74 -25.30 2.06 -22.93
N PRO B 75 -24.54 3.16 -22.85
CA PRO B 75 -23.80 3.42 -21.63
C PRO B 75 -24.74 3.50 -20.42
N GLY B 76 -24.34 2.83 -19.34
CA GLY B 76 -25.12 2.75 -18.11
C GLY B 76 -25.83 1.42 -17.95
N ASP B 77 -25.85 0.62 -19.00
CA ASP B 77 -26.47 -0.70 -18.94
C ASP B 77 -25.45 -1.74 -18.48
N THR B 78 -25.93 -2.96 -18.33
CA THR B 78 -25.11 -4.13 -18.03
C THR B 78 -25.27 -5.14 -19.17
N LEU B 79 -24.14 -5.56 -19.71
CA LEU B 79 -24.09 -6.62 -20.68
C LEU B 79 -23.97 -7.95 -19.91
N LYS B 80 -24.77 -8.93 -20.31
CA LYS B 80 -24.73 -10.25 -19.71
C LYS B 80 -24.19 -11.24 -20.73
N VAL B 81 -23.08 -11.89 -20.41
CA VAL B 81 -22.46 -12.83 -21.33
C VAL B 81 -22.53 -14.23 -20.73
N ARG B 82 -23.50 -15.02 -21.18
CA ARG B 82 -23.59 -16.40 -20.74
C ARG B 82 -22.61 -17.21 -21.56
N ILE B 83 -21.72 -17.91 -20.87
CA ILE B 83 -20.73 -18.77 -21.51
C ILE B 83 -21.30 -20.18 -21.67
N LYS B 84 -21.65 -20.55 -22.91
CA LYS B 84 -22.23 -21.87 -23.18
C LYS B 84 -21.13 -22.93 -23.27
N ARG B 85 -20.17 -22.73 -24.15
CA ARG B 85 -19.13 -23.73 -24.41
C ARG B 85 -17.77 -23.11 -24.51
N ILE B 86 -16.79 -23.81 -23.97
CA ILE B 86 -15.39 -23.55 -24.20
C ILE B 86 -14.79 -24.82 -24.76
N GLU B 87 -14.39 -24.81 -26.03
CA GLU B 87 -13.76 -25.96 -26.64
C GLU B 87 -12.26 -25.79 -26.63
N LEU B 88 -11.57 -26.80 -26.13
CA LEU B 88 -10.14 -26.80 -25.94
C LEU B 88 -9.45 -27.72 -26.94
N PRO B 89 -8.17 -27.45 -27.24
CA PRO B 89 -7.37 -28.36 -28.03
C PRO B 89 -6.76 -29.44 -27.13
N ARG B 90 -5.84 -30.22 -27.67
CA ARG B 90 -5.21 -31.28 -26.91
C ARG B 90 -3.80 -30.95 -26.38
N ARG B 91 -3.32 -29.75 -26.67
CA ARG B 91 -1.98 -29.30 -26.24
C ARG B 91 -2.04 -27.87 -25.72
N GLY B 92 -1.29 -27.59 -24.67
CA GLY B 92 -1.19 -26.24 -24.11
C GLY B 92 0.22 -25.85 -23.74
N MSE B 93 0.37 -24.62 -23.29
CA MSE B 93 1.68 -23.99 -23.08
C MSE B 93 1.68 -23.26 -21.75
O MSE B 93 0.79 -22.43 -21.52
CB MSE B 93 1.89 -22.99 -24.21
CG MSE B 93 3.29 -22.40 -24.35
SE MSE B 93 4.56 -23.73 -24.97
CE MSE B 93 3.47 -24.66 -26.41
N ILE B 94 2.66 -23.52 -20.89
CA ILE B 94 2.85 -22.68 -19.69
C ILE B 94 4.22 -22.01 -19.75
N VAL B 95 4.34 -20.80 -19.21
CA VAL B 95 5.63 -20.08 -19.24
C VAL B 95 5.95 -19.32 -17.96
N THR B 96 7.23 -19.06 -17.72
CA THR B 96 7.65 -18.23 -16.60
C THR B 96 9.14 -17.90 -16.72
N GLY B 97 9.62 -17.01 -15.86
CA GLY B 97 11.03 -16.60 -15.86
C GLY B 97 11.32 -15.36 -15.04
N LYS B 98 12.58 -14.91 -15.07
CA LYS B 98 12.97 -13.71 -14.32
C LYS B 98 11.96 -12.59 -14.57
N GLY B 99 11.41 -12.05 -13.50
CA GLY B 99 10.48 -10.92 -13.59
C GLY B 99 9.06 -11.30 -13.90
N PHE B 100 8.71 -12.57 -13.74
CA PHE B 100 7.35 -13.02 -14.01
C PHE B 100 6.77 -13.77 -12.83
N GLY B 101 5.58 -13.35 -12.42
CA GLY B 101 4.88 -13.97 -11.33
C GLY B 101 5.24 -13.34 -10.00
N VAL B 102 4.61 -13.86 -8.94
CA VAL B 102 4.80 -13.39 -7.57
C VAL B 102 6.26 -13.48 -7.16
N LEU B 103 6.95 -14.51 -7.65
CA LEU B 103 8.36 -14.78 -7.34
C LEU B 103 9.29 -14.49 -8.53
N GLY B 104 8.96 -13.47 -9.33
CA GLY B 104 9.90 -12.95 -10.30
C GLY B 104 11.20 -12.53 -9.62
N ASP B 105 11.08 -12.13 -8.36
CA ASP B 105 12.20 -11.77 -7.46
C ASP B 105 13.60 -12.16 -7.90
N GLU B 106 14.01 -13.43 -8.02
CA GLU B 106 13.49 -14.65 -7.38
C GLU B 106 13.77 -15.87 -8.28
N VAL B 107 13.46 -15.78 -9.56
CA VAL B 107 13.70 -16.86 -10.54
C VAL B 107 14.63 -16.36 -11.64
N GLU B 108 15.40 -17.28 -12.22
CA GLU B 108 16.36 -16.94 -13.27
C GLU B 108 15.95 -17.62 -14.56
N GLY B 109 16.22 -16.95 -15.67
CA GLY B 109 16.04 -17.53 -16.99
C GLY B 109 14.64 -17.34 -17.54
N PHE B 110 14.30 -18.19 -18.50
CA PHE B 110 12.99 -18.18 -19.12
C PHE B 110 12.66 -19.61 -19.52
N HIS B 111 11.45 -20.04 -19.19
CA HIS B 111 11.08 -21.45 -19.31
C HIS B 111 9.69 -21.60 -19.92
N THR B 112 9.53 -22.64 -20.74
CA THR B 112 8.23 -22.96 -21.30
C THR B 112 8.02 -24.48 -21.28
N LYS B 113 6.77 -24.92 -21.26
CA LYS B 113 6.48 -26.34 -21.17
C LYS B 113 5.20 -26.64 -21.90
N GLU B 114 5.25 -27.64 -22.78
CA GLU B 114 4.06 -28.13 -23.46
C GLU B 114 3.30 -29.06 -22.53
N LEU B 115 1.99 -28.94 -22.52
CA LEU B 115 1.17 -29.76 -21.65
C LEU B 115 0.14 -30.50 -22.49
N GLU B 116 -0.02 -31.79 -22.27
CA GLU B 116 -1.04 -32.59 -22.96
C GLU B 116 -2.33 -32.32 -22.24
N ILE B 117 -3.40 -32.16 -23.00
CA ILE B 117 -4.73 -31.94 -22.44
C ILE B 117 -5.62 -33.13 -22.78
N GLU B 118 -5.93 -33.93 -21.77
CA GLU B 118 -6.91 -34.98 -21.92
C GLU B 118 -8.27 -34.42 -21.58
N LYS B 119 -9.29 -35.25 -21.63
CA LYS B 119 -10.64 -34.73 -21.46
C LYS B 119 -10.85 -34.21 -20.03
N TRP B 120 -10.42 -34.99 -19.05
CA TRP B 120 -10.65 -34.65 -17.66
C TRP B 120 -9.44 -34.11 -16.90
N ALA B 121 -8.32 -33.92 -17.60
CA ALA B 121 -7.08 -33.58 -16.93
C ALA B 121 -6.04 -32.99 -17.86
N VAL B 122 -5.31 -32.00 -17.34
CA VAL B 122 -4.09 -31.49 -17.94
C VAL B 122 -2.96 -32.30 -17.32
N LEU B 123 -2.07 -32.83 -18.14
CA LEU B 123 -0.96 -33.65 -17.66
C LEU B 123 0.29 -32.82 -17.45
N PHE B 124 0.99 -33.10 -16.34
CA PHE B 124 2.20 -32.38 -15.96
C PHE B 124 3.15 -33.39 -15.34
N ASP B 125 4.10 -33.89 -16.13
CA ASP B 125 5.09 -34.87 -15.65
C ASP B 125 4.44 -35.90 -14.74
N GLY B 126 3.41 -36.58 -15.23
CA GLY B 126 2.81 -37.66 -14.46
C GLY B 126 1.79 -37.24 -13.43
N VAL B 127 1.51 -35.94 -13.33
CA VAL B 127 0.46 -35.45 -12.45
C VAL B 127 -0.75 -35.10 -13.29
N ARG B 128 -1.94 -35.48 -12.83
CA ARG B 128 -3.19 -35.19 -13.51
C ARG B 128 -3.88 -34.04 -12.83
N ILE B 129 -3.79 -32.84 -13.41
CA ILE B 129 -4.44 -31.68 -12.83
C ILE B 129 -5.84 -31.68 -13.38
N PRO B 130 -6.87 -31.73 -12.51
CA PRO B 130 -8.25 -31.71 -12.99
C PRO B 130 -8.49 -30.57 -13.96
N ILE B 131 -9.15 -30.87 -15.06
CA ILE B 131 -9.46 -29.89 -16.09
C ILE B 131 -10.38 -28.82 -15.50
N HIS B 132 -10.19 -27.58 -15.92
CA HIS B 132 -11.05 -26.49 -15.48
C HIS B 132 -10.98 -25.36 -16.52
N PRO B 133 -11.74 -25.51 -17.62
CA PRO B 133 -11.75 -24.53 -18.70
C PRO B 133 -12.25 -23.16 -18.25
N MSE B 134 -11.53 -22.12 -18.61
CA MSE B 134 -11.89 -20.78 -18.19
C MSE B 134 -11.44 -19.73 -19.21
O MSE B 134 -10.52 -19.97 -20.01
CB MSE B 134 -11.28 -20.48 -16.83
CG MSE B 134 -9.80 -20.79 -16.74
SE MSE B 134 -8.85 -19.73 -15.41
CE MSE B 134 -9.19 -17.91 -16.07
N VAL B 135 -12.11 -18.58 -19.18
CA VAL B 135 -11.78 -17.48 -20.09
C VAL B 135 -11.10 -16.42 -19.21
N GLY B 136 -9.83 -16.12 -19.52
CA GLY B 136 -9.00 -15.24 -18.69
C GLY B 136 -9.12 -13.73 -18.98
N VAL B 137 -9.26 -13.40 -20.25
CA VAL B 137 -9.52 -12.04 -20.65
C VAL B 137 -10.94 -11.93 -21.20
N ILE B 138 -11.75 -11.10 -20.58
CA ILE B 138 -13.04 -10.72 -21.13
C ILE B 138 -13.36 -9.30 -20.66
N GLY B 139 -13.83 -8.47 -21.58
CA GLY B 139 -14.11 -7.07 -21.24
C GLY B 139 -14.85 -6.27 -22.31
N VAL B 140 -15.13 -5.01 -22.00
CA VAL B 140 -15.79 -4.10 -22.94
C VAL B 140 -14.99 -2.80 -23.06
N ALA B 141 -15.39 -1.96 -24.00
CA ALA B 141 -14.76 -0.66 -24.15
C ALA B 141 -14.90 0.10 -22.84
N PRO B 142 -13.82 0.74 -22.39
CA PRO B 142 -13.88 1.56 -21.19
C PRO B 142 -14.42 2.96 -21.48
N GLN B 143 -14.62 3.72 -20.41
CA GLN B 143 -15.14 5.07 -20.50
C GLN B 143 -14.22 5.98 -21.32
N GLU B 144 -12.94 6.09 -20.93
CA GLU B 144 -11.96 6.85 -21.74
C GLU B 144 -10.60 6.16 -21.81
N GLY B 145 -9.80 6.61 -22.77
CA GLY B 145 -8.45 6.11 -22.95
C GLY B 145 -8.42 4.65 -23.35
N GLU B 146 -7.34 3.97 -23.01
CA GLU B 146 -7.16 2.57 -23.34
C GLU B 146 -6.47 1.80 -22.21
N TYR B 147 -6.86 0.56 -22.02
CA TYR B 147 -6.22 -0.33 -21.10
C TYR B 147 -5.81 -1.56 -21.86
N PRO B 148 -4.51 -1.92 -21.83
CA PRO B 148 -4.05 -3.12 -22.54
C PRO B 148 -4.80 -4.38 -22.12
N THR B 149 -4.93 -5.34 -23.02
CA THR B 149 -5.65 -6.58 -22.69
C THR B 149 -4.96 -7.41 -21.60
N GLY B 150 -3.70 -7.10 -21.28
CA GLY B 150 -3.01 -7.74 -20.19
C GLY B 150 -3.31 -7.21 -18.78
N THR B 151 -4.03 -6.10 -18.69
CA THR B 151 -4.40 -5.49 -17.42
C THR B 151 -5.91 -5.46 -17.37
N ALA B 152 -6.47 -4.93 -16.29
CA ALA B 152 -7.91 -5.02 -16.03
C ALA B 152 -8.38 -3.90 -15.13
N HIS B 153 -9.69 -3.66 -15.15
CA HIS B 153 -10.33 -2.58 -14.40
C HIS B 153 -11.85 -2.81 -14.44
N ARG B 154 -12.65 -1.75 -14.39
CA ARG B 154 -14.10 -1.87 -14.31
C ARG B 154 -14.75 -2.48 -15.55
N HIS B 155 -14.14 -2.28 -16.70
CA HIS B 155 -14.62 -2.83 -17.98
C HIS B 155 -14.31 -4.32 -18.19
N GLY B 156 -13.56 -4.92 -17.29
CA GLY B 156 -13.06 -6.29 -17.47
C GLY B 156 -11.59 -6.23 -17.82
N GLY B 157 -11.12 -7.24 -18.56
CA GLY B 157 -9.71 -7.31 -18.94
C GLY B 157 -9.13 -8.65 -18.56
N ASN B 158 -7.85 -8.65 -18.22
CA ASN B 158 -7.13 -9.85 -17.84
C ASN B 158 -7.41 -10.08 -16.38
N MSE B 159 -8.58 -10.64 -16.11
CA MSE B 159 -9.03 -10.88 -14.73
C MSE B 159 -8.61 -12.24 -14.22
O MSE B 159 -8.58 -12.46 -13.02
CB MSE B 159 -10.54 -10.77 -14.64
CG MSE B 159 -11.06 -9.38 -14.95
SE MSE B 159 -12.98 -9.24 -14.77
CE MSE B 159 -13.72 -10.43 -16.25
N ASP B 160 -8.34 -13.16 -15.16
CA ASP B 160 -7.99 -14.53 -14.83
C ASP B 160 -8.78 -15.09 -13.63
N THR B 161 -10.10 -14.97 -13.71
CA THR B 161 -10.98 -15.51 -12.70
C THR B 161 -11.46 -16.90 -13.10
N LYS B 162 -11.06 -17.94 -12.35
CA LYS B 162 -11.36 -19.35 -12.69
C LYS B 162 -12.85 -19.70 -12.61
N GLU B 163 -13.65 -18.81 -12.04
CA GLU B 163 -15.09 -18.95 -12.01
C GLU B 163 -15.77 -18.63 -13.38
N ILE B 164 -15.07 -17.87 -14.24
CA ILE B 164 -15.54 -17.54 -15.59
C ILE B 164 -15.41 -18.78 -16.50
N THR B 165 -16.30 -19.73 -16.26
CA THR B 165 -16.20 -21.04 -16.83
C THR B 165 -17.48 -21.29 -17.60
N GLU B 166 -17.66 -22.50 -18.13
CA GLU B 166 -18.91 -22.85 -18.83
C GLU B 166 -20.09 -22.72 -17.86
N ASN B 167 -21.25 -22.35 -18.40
CA ASN B 167 -22.49 -22.33 -17.62
CA ASN B 167 -22.51 -22.28 -17.66
C ASN B 167 -22.50 -21.27 -16.52
N VAL B 168 -21.83 -20.14 -16.75
CA VAL B 168 -21.94 -18.97 -15.85
C VAL B 168 -22.28 -17.74 -16.67
N THR B 169 -22.74 -16.68 -16.02
CA THR B 169 -23.01 -15.40 -16.67
C THR B 169 -22.08 -14.30 -16.13
N VAL B 170 -21.41 -13.62 -17.06
CA VAL B 170 -20.55 -12.50 -16.74
C VAL B 170 -21.34 -11.21 -16.93
N HIS B 171 -21.46 -10.42 -15.87
CA HIS B 171 -22.14 -9.14 -15.92
C HIS B 171 -21.05 -8.07 -16.03
N LEU B 172 -21.06 -7.31 -17.11
CA LEU B 172 -20.08 -6.27 -17.34
C LEU B 172 -20.77 -4.91 -17.47
N PRO B 173 -20.21 -3.87 -16.84
CA PRO B 173 -20.76 -2.54 -17.01
C PRO B 173 -20.44 -2.00 -18.39
N VAL B 174 -21.37 -1.24 -18.97
CA VAL B 174 -21.22 -0.74 -20.33
C VAL B 174 -20.83 0.76 -20.30
N PHE B 175 -19.87 1.14 -21.15
CA PHE B 175 -19.44 2.53 -21.22
C PHE B 175 -19.54 3.12 -22.60
N GLN B 176 -19.65 2.29 -23.65
CA GLN B 176 -19.82 2.79 -25.02
C GLN B 176 -21.08 2.19 -25.66
N GLU B 177 -21.65 2.89 -26.63
CA GLU B 177 -22.77 2.36 -27.40
C GLU B 177 -22.39 0.97 -27.96
N GLY B 178 -23.25 -0.01 -27.73
CA GLY B 178 -23.01 -1.36 -28.19
C GLY B 178 -21.98 -2.18 -27.43
N ALA B 179 -21.52 -1.67 -26.28
CA ALA B 179 -20.64 -2.43 -25.37
C ALA B 179 -19.21 -2.62 -25.93
N LEU B 180 -19.11 -3.31 -27.06
CA LEU B 180 -17.83 -3.60 -27.72
C LEU B 180 -17.11 -4.65 -26.88
N LEU B 181 -17.63 -5.87 -26.98
CA LEU B 181 -17.19 -7.01 -26.20
C LEU B 181 -16.00 -7.68 -26.88
N ALA B 182 -15.01 -8.06 -26.09
CA ALA B 182 -13.86 -8.81 -26.60
C ALA B 182 -13.43 -9.85 -25.57
N LEU B 183 -12.65 -10.81 -25.99
CA LEU B 183 -12.55 -12.04 -25.23
C LEU B 183 -11.37 -12.85 -25.74
N GLY B 184 -10.58 -13.38 -24.80
CA GLY B 184 -9.37 -14.11 -25.17
C GLY B 184 -8.76 -14.82 -23.98
N ASP B 185 -7.53 -15.29 -24.15
CA ASP B 185 -6.71 -15.79 -23.04
C ASP B 185 -7.38 -16.95 -22.33
N VAL B 186 -7.75 -17.99 -23.08
CA VAL B 186 -8.44 -19.14 -22.51
C VAL B 186 -7.42 -20.09 -21.90
N HIS B 187 -7.74 -20.63 -20.72
CA HIS B 187 -6.94 -21.69 -20.10
C HIS B 187 -7.66 -23.04 -20.01
N ALA B 188 -6.89 -24.13 -20.04
CA ALA B 188 -7.38 -25.49 -19.78
C ALA B 188 -7.53 -25.76 -18.28
N THR B 189 -6.70 -25.09 -17.48
CA THR B 189 -6.80 -25.16 -16.01
C THR B 189 -5.97 -24.03 -15.38
N MSE B 190 -6.24 -23.74 -14.10
CA MSE B 190 -5.52 -22.67 -13.41
C MSE B 190 -5.72 -22.71 -11.90
O MSE B 190 -6.78 -23.06 -11.42
CB MSE B 190 -5.99 -21.31 -13.93
CG MSE B 190 -5.03 -20.19 -13.62
SE MSE B 190 -5.87 -18.46 -13.74
CE MSE B 190 -7.04 -18.56 -12.14
N GLY B 191 -4.71 -22.33 -11.13
CA GLY B 191 -4.88 -22.13 -9.70
C GLY B 191 -5.16 -20.67 -9.39
N ASP B 192 -5.96 -20.42 -8.35
CA ASP B 192 -6.16 -19.04 -7.90
C ASP B 192 -4.83 -18.40 -7.55
N GLY B 193 -4.59 -17.20 -8.08
CA GLY B 193 -3.32 -16.52 -7.91
C GLY B 193 -2.48 -16.49 -9.17
N GLU B 194 -2.51 -17.57 -9.94
CA GLU B 194 -1.78 -17.68 -11.21
C GLU B 194 -0.32 -17.29 -11.03
N VAL B 195 0.30 -17.89 -10.03
CA VAL B 195 1.44 -17.28 -9.37
C VAL B 195 2.72 -17.15 -10.19
N CYS B 196 2.88 -17.96 -11.25
CA CYS B 196 4.09 -17.88 -12.07
C CYS B 196 3.90 -16.95 -13.25
N VAL B 197 2.67 -16.46 -13.41
CA VAL B 197 2.26 -15.46 -14.40
C VAL B 197 1.33 -16.07 -15.42
N SER B 198 1.54 -17.35 -15.75
CA SER B 198 0.73 -17.99 -16.78
C SER B 198 0.01 -19.23 -16.27
N ALA B 199 -1.05 -19.59 -16.97
CA ALA B 199 -1.80 -20.81 -16.69
C ALA B 199 -1.47 -21.74 -17.84
N CYS B 200 -2.31 -22.75 -18.04
CA CYS B 200 -2.19 -23.64 -19.18
C CYS B 200 -2.81 -22.97 -20.42
N GLU B 201 -1.97 -22.26 -21.18
CA GLU B 201 -2.43 -21.34 -22.21
C GLU B 201 -2.78 -22.08 -23.48
N VAL B 202 -3.93 -21.72 -24.08
CA VAL B 202 -4.43 -22.41 -25.26
C VAL B 202 -5.27 -21.52 -26.19
N PRO B 203 -5.29 -21.83 -27.49
CA PRO B 203 -6.30 -21.31 -28.39
C PRO B 203 -7.55 -22.15 -28.21
N ALA B 204 -8.71 -21.56 -28.44
CA ALA B 204 -9.97 -22.23 -28.11
C ALA B 204 -11.09 -21.63 -28.92
N LYS B 205 -12.25 -22.25 -28.82
CA LYS B 205 -13.50 -21.67 -29.30
C LYS B 205 -14.33 -21.39 -28.07
N VAL B 206 -14.98 -20.24 -28.02
CA VAL B 206 -15.84 -19.92 -26.90
C VAL B 206 -17.19 -19.45 -27.43
N VAL B 207 -18.22 -20.24 -27.15
CA VAL B 207 -19.59 -19.94 -27.56
C VAL B 207 -20.24 -19.20 -26.40
N VAL B 208 -20.79 -18.03 -26.70
CA VAL B 208 -21.43 -17.21 -25.69
C VAL B 208 -22.80 -16.81 -26.17
N GLU B 209 -23.57 -16.23 -25.26
CA GLU B 209 -24.93 -15.80 -25.55
C GLU B 209 -25.07 -14.48 -24.85
N ILE B 210 -25.39 -13.44 -25.61
CA ILE B 210 -25.34 -12.08 -25.10
C ILE B 210 -26.75 -11.60 -24.78
N ASP B 211 -26.88 -10.91 -23.65
CA ASP B 211 -28.14 -10.29 -23.28
C ASP B 211 -27.85 -8.93 -22.61
N VAL B 212 -28.90 -8.22 -22.23
CA VAL B 212 -28.76 -6.92 -21.62
C VAL B 212 -29.61 -6.77 -20.39
N SER B 213 -29.11 -6.00 -19.43
CA SER B 213 -29.90 -5.56 -18.31
C SER B 213 -29.79 -4.05 -18.21
N LYS B 214 -30.88 -3.41 -17.80
CA LYS B 214 -30.90 -1.96 -17.73
C LYS B 214 -30.52 -1.43 -16.34
N GLU B 215 -29.74 -2.19 -15.58
CA GLU B 215 -29.18 -1.69 -14.33
C GLU B 215 -27.74 -1.25 -14.60
N GLU B 216 -27.34 -0.13 -14.00
CA GLU B 216 -25.94 0.24 -13.93
C GLU B 216 -25.26 -0.59 -12.86
N ILE B 217 -24.00 -0.98 -13.09
CA ILE B 217 -23.18 -1.62 -12.06
C ILE B 217 -21.75 -1.03 -12.06
N LYS B 218 -21.01 -1.22 -10.97
CA LYS B 218 -19.68 -0.63 -10.85
C LYS B 218 -18.62 -1.54 -11.43
N TRP B 219 -18.57 -2.78 -10.94
CA TRP B 219 -17.55 -3.75 -11.31
C TRP B 219 -18.21 -4.97 -11.88
N PRO B 220 -17.44 -5.77 -12.63
CA PRO B 220 -17.93 -7.04 -13.14
C PRO B 220 -18.40 -8.01 -12.05
N VAL B 221 -19.39 -8.83 -12.41
CA VAL B 221 -19.94 -9.82 -11.52
C VAL B 221 -20.14 -11.09 -12.34
N VAL B 222 -19.54 -12.19 -11.86
CA VAL B 222 -19.77 -13.50 -12.44
C VAL B 222 -20.90 -14.12 -11.66
N GLU B 223 -21.93 -14.59 -12.37
CA GLU B 223 -23.06 -15.26 -11.72
C GLU B 223 -23.02 -16.76 -12.02
N THR B 224 -22.82 -17.54 -10.97
CA THR B 224 -22.81 -18.98 -11.08
C THR B 224 -24.15 -19.51 -10.65
N ASN B 225 -24.26 -20.82 -10.69
CA ASN B 225 -25.49 -21.46 -10.33
C ASN B 225 -25.96 -21.08 -8.92
N ASP B 226 -25.04 -21.01 -7.96
CA ASP B 226 -25.43 -20.70 -6.57
C ASP B 226 -24.81 -19.43 -5.97
N ALA B 227 -24.02 -18.69 -6.75
CA ALA B 227 -23.33 -17.53 -6.19
C ALA B 227 -23.07 -16.40 -7.18
N TYR B 228 -23.01 -15.20 -6.63
CA TYR B 228 -22.47 -14.04 -7.33
C TYR B 228 -21.02 -13.79 -6.91
N TYR B 229 -20.12 -13.62 -7.86
CA TYR B 229 -18.76 -13.21 -7.54
C TYR B 229 -18.49 -11.79 -8.05
N ILE B 230 -18.31 -10.84 -7.13
CA ILE B 230 -17.87 -9.51 -7.51
C ILE B 230 -16.36 -9.57 -7.72
N ILE B 231 -15.90 -8.92 -8.78
CA ILE B 231 -14.53 -9.07 -9.25
C ILE B 231 -13.90 -7.68 -9.43
N VAL B 232 -13.01 -7.30 -8.52
CA VAL B 232 -12.35 -5.99 -8.54
C VAL B 232 -10.86 -6.13 -8.88
N SER B 233 -10.38 -5.27 -9.77
CA SER B 233 -8.99 -5.29 -10.22
C SER B 233 -8.36 -3.92 -10.03
N LEU B 234 -7.31 -3.85 -9.23
CA LEU B 234 -6.62 -2.60 -8.94
C LEU B 234 -5.12 -2.85 -8.86
N PRO B 235 -4.31 -1.81 -9.07
CA PRO B 235 -2.84 -1.93 -8.97
C PRO B 235 -2.29 -2.69 -7.74
N ASP B 236 -2.92 -2.56 -6.57
CA ASP B 236 -2.46 -3.30 -5.39
C ASP B 236 -3.58 -4.07 -4.68
N ILE B 237 -3.23 -5.28 -4.26
CA ILE B 237 -4.24 -6.24 -3.85
C ILE B 237 -4.97 -5.77 -2.59
N GLU B 238 -4.30 -5.00 -1.77
CA GLU B 238 -4.91 -4.44 -0.56
C GLU B 238 -6.08 -3.51 -0.91
N GLU B 239 -5.91 -2.69 -1.94
CA GLU B 239 -6.99 -1.80 -2.40
C GLU B 239 -8.10 -2.63 -3.01
N ALA B 240 -7.72 -3.59 -3.85
CA ALA B 240 -8.69 -4.48 -4.49
C ALA B 240 -9.53 -5.16 -3.43
N LEU B 241 -8.90 -5.64 -2.37
CA LEU B 241 -9.63 -6.38 -1.35
C LEU B 241 -10.59 -5.50 -0.57
N LYS B 242 -10.19 -4.28 -0.29
CA LYS B 242 -11.04 -3.36 0.45
C LYS B 242 -12.25 -2.98 -0.41
N GLU B 243 -12.05 -2.82 -1.71
CA GLU B 243 -13.11 -2.41 -2.62
C GLU B 243 -14.14 -3.52 -2.85
N VAL B 244 -13.68 -4.75 -3.11
CA VAL B 244 -14.61 -5.87 -3.25
C VAL B 244 -15.45 -6.05 -1.99
N THR B 245 -14.84 -5.80 -0.82
CA THR B 245 -15.58 -5.86 0.43
C THR B 245 -16.61 -4.73 0.54
N ARG B 246 -16.23 -3.52 0.15
CA ARG B 246 -17.16 -2.39 0.18
C ARG B 246 -18.33 -2.66 -0.79
N GLU B 247 -18.02 -3.17 -1.98
CA GLU B 247 -19.02 -3.45 -2.97
C GLU B 247 -19.95 -4.57 -2.53
N THR B 248 -19.37 -5.66 -2.04
CA THR B 248 -20.15 -6.80 -1.56
C THR B 248 -21.16 -6.43 -0.48
N VAL B 249 -20.76 -5.55 0.44
CA VAL B 249 -21.62 -5.18 1.58
C VAL B 249 -22.78 -4.31 1.05
N TRP B 250 -22.45 -3.38 0.17
CA TRP B 250 -23.46 -2.56 -0.49
C TRP B 250 -24.39 -3.33 -1.41
N PHE B 251 -23.84 -4.33 -2.10
CA PHE B 251 -24.62 -5.25 -2.90
C PHE B 251 -25.69 -5.91 -2.04
N ILE B 252 -25.28 -6.42 -0.87
CA ILE B 252 -26.19 -7.15 0.02
C ILE B 252 -27.23 -6.21 0.64
N GLN B 253 -26.77 -5.01 0.95
CA GLN B 253 -27.57 -3.99 1.64
C GLN B 253 -28.76 -3.56 0.79
N ARG B 254 -28.51 -3.38 -0.51
CA ARG B 254 -29.56 -2.99 -1.45
C ARG B 254 -30.54 -4.11 -1.71
N ARG B 255 -30.02 -5.28 -2.05
CA ARG B 255 -30.91 -6.38 -2.41
C ARG B 255 -31.83 -6.79 -1.28
N LYS B 256 -31.41 -6.59 -0.03
CA LYS B 256 -32.19 -7.03 1.12
C LYS B 256 -32.78 -5.88 1.93
N THR B 257 -32.44 -4.65 1.56
CA THR B 257 -32.96 -3.45 2.21
C THR B 257 -32.82 -3.51 3.74
N ILE B 258 -31.65 -3.94 4.20
CA ILE B 258 -31.36 -4.01 5.61
C ILE B 258 -30.29 -2.99 5.91
N PRO B 259 -30.11 -2.60 7.17
CA PRO B 259 -29.10 -1.59 7.49
C PRO B 259 -27.69 -2.05 7.11
N PHE B 260 -26.84 -1.09 6.76
CA PHE B 260 -25.45 -1.36 6.38
C PHE B 260 -24.71 -2.29 7.36
N THR B 261 -24.82 -2.02 8.66
CA THR B 261 -24.14 -2.83 9.68
C THR B 261 -24.63 -4.28 9.71
N ASP B 262 -25.91 -4.49 9.36
CA ASP B 262 -26.48 -5.85 9.20
C ASP B 262 -25.90 -6.55 7.98
N ALA B 263 -25.79 -5.81 6.87
CA ALA B 263 -25.14 -6.30 5.67
C ALA B 263 -23.69 -6.70 5.96
N TYR B 264 -23.01 -5.87 6.75
CA TYR B 264 -21.59 -6.04 7.06
C TYR B 264 -21.38 -7.30 7.87
N MSE B 265 -22.20 -7.46 8.90
CA MSE B 265 -22.16 -8.66 9.73
C MSE B 265 -22.45 -9.92 8.91
O MSE B 265 -21.82 -10.95 9.12
CB MSE B 265 -23.14 -8.52 10.89
CG MSE B 265 -22.62 -7.60 11.96
SE MSE B 265 -23.85 -7.41 13.45
CE MSE B 265 -22.55 -7.23 14.82
N LEU B 266 -23.40 -9.80 7.99
CA LEU B 266 -23.82 -10.93 7.20
C LEU B 266 -22.71 -11.34 6.23
N ALA B 267 -21.98 -10.38 5.69
CA ALA B 267 -20.84 -10.70 4.79
C ALA B 267 -19.75 -11.46 5.54
N SER B 268 -19.56 -11.10 6.80
CA SER B 268 -18.58 -11.75 7.67
C SER B 268 -18.88 -13.24 7.87
N LEU B 269 -20.17 -13.60 7.87
CA LEU B 269 -20.62 -14.99 8.12
C LEU B 269 -20.74 -15.83 6.85
N SER B 270 -21.12 -15.19 5.75
CA SER B 270 -21.55 -15.87 4.55
C SER B 270 -20.69 -15.61 3.29
N VAL B 271 -20.00 -14.48 3.24
CA VAL B 271 -19.23 -14.11 2.05
C VAL B 271 -17.79 -14.56 2.17
N ASP B 272 -17.30 -15.24 1.12
CA ASP B 272 -15.90 -15.68 1.05
C ASP B 272 -15.07 -14.77 0.14
N VAL B 273 -14.28 -13.89 0.73
CA VAL B 273 -13.33 -13.05 -0.02
C VAL B 273 -12.08 -13.83 -0.43
N GLY B 274 -11.66 -13.67 -1.69
CA GLY B 274 -10.49 -14.40 -2.21
C GLY B 274 -9.73 -13.64 -3.28
N ILE B 275 -8.87 -14.36 -4.00
CA ILE B 275 -7.94 -13.80 -4.97
C ILE B 275 -8.18 -14.48 -6.32
N SER B 276 -8.23 -13.68 -7.38
CA SER B 276 -8.19 -14.22 -8.73
C SER B 276 -6.76 -14.35 -9.27
N GLN B 277 -5.99 -13.27 -9.22
CA GLN B 277 -4.60 -13.34 -9.63
C GLN B 277 -3.74 -12.20 -9.04
N LEU B 278 -2.45 -12.50 -8.88
CA LEU B 278 -1.50 -11.60 -8.26
C LEU B 278 -0.35 -11.21 -9.18
N VAL B 279 -0.53 -11.37 -10.48
CA VAL B 279 0.61 -11.31 -11.40
C VAL B 279 0.49 -10.28 -12.52
N ASN B 280 -0.72 -9.82 -12.79
CA ASN B 280 -0.94 -8.82 -13.83
C ASN B 280 -0.76 -7.43 -13.22
N PRO B 281 -0.63 -6.37 -14.04
CA PRO B 281 -0.43 -5.03 -13.46
C PRO B 281 -1.58 -4.53 -12.55
N ALA B 282 -2.82 -4.91 -12.85
CA ALA B 282 -3.89 -4.84 -11.84
C ALA B 282 -4.02 -6.23 -11.23
N LYS B 283 -4.13 -6.28 -9.92
CA LYS B 283 -4.30 -7.52 -9.21
C LYS B 283 -5.80 -7.66 -9.02
N THR B 284 -6.32 -8.88 -9.01
CA THR B 284 -7.77 -9.09 -8.96
C THR B 284 -8.21 -9.85 -7.72
N ALA B 285 -9.02 -9.18 -6.89
CA ALA B 285 -9.68 -9.79 -5.73
C ALA B 285 -11.11 -10.20 -6.12
N LYS B 286 -11.68 -11.11 -5.36
CA LYS B 286 -13.08 -11.51 -5.55
C LYS B 286 -13.79 -11.72 -4.23
N ALA B 287 -15.12 -11.64 -4.27
CA ALA B 287 -15.94 -11.94 -3.12
C ALA B 287 -17.08 -12.83 -3.60
N ARG B 288 -17.27 -13.97 -2.92
CA ARG B 288 -18.33 -14.89 -3.23
C ARG B 288 -19.53 -14.54 -2.38
N ILE B 289 -20.61 -14.15 -3.01
CA ILE B 289 -21.87 -13.88 -2.34
C ILE B 289 -22.90 -14.98 -2.70
N PRO B 290 -23.19 -15.88 -1.76
CA PRO B 290 -24.09 -16.96 -2.10
C PRO B 290 -25.54 -16.51 -2.26
N LYS B 291 -26.23 -17.12 -3.20
CA LYS B 291 -27.60 -16.74 -3.51
C LYS B 291 -28.57 -17.08 -2.40
N TYR B 292 -28.23 -18.07 -1.56
CA TYR B 292 -29.13 -18.46 -0.47
C TYR B 292 -29.47 -17.29 0.49
N ILE B 293 -28.63 -16.24 0.53
CA ILE B 293 -28.86 -15.11 1.45
C ILE B 293 -29.99 -14.20 1.00
N PHE B 294 -30.41 -14.38 -0.25
CA PHE B 294 -31.57 -13.69 -0.78
C PHE B 294 -32.76 -14.64 -0.91
N THR B 295 -32.49 -15.94 -1.03
CA THR B 295 -33.53 -16.95 -1.30
C THR B 295 -33.23 -18.29 -0.59
N HIS C 12 -3.47 37.08 33.77
CA HIS C 12 -2.38 38.10 33.76
C HIS C 12 -1.17 37.54 34.52
N MSE C 13 -0.36 36.67 33.89
CA MSE C 13 -0.66 36.03 32.59
C MSE C 13 -1.28 34.64 32.80
O MSE C 13 -0.94 33.94 33.75
CB MSE C 13 0.63 35.90 31.74
CG MSE C 13 0.42 35.19 30.38
SE MSE C 13 1.99 35.06 29.18
CE MSE C 13 2.37 37.02 28.98
N LYS C 14 -2.19 34.24 31.92
CA LYS C 14 -2.86 32.95 32.05
C LYS C 14 -1.96 31.78 31.68
N VAL C 15 -1.87 30.82 32.58
CA VAL C 15 -1.04 29.65 32.45
C VAL C 15 -1.91 28.43 32.67
N VAL C 16 -1.95 27.53 31.71
CA VAL C 16 -2.66 26.25 31.84
C VAL C 16 -1.62 25.16 32.12
N PRO C 17 -1.62 24.61 33.35
CA PRO C 17 -0.67 23.57 33.74
C PRO C 17 -1.00 22.21 33.15
N ALA C 18 -0.02 21.30 33.15
CA ALA C 18 -0.09 20.02 32.42
C ALA C 18 -1.15 19.03 32.92
N GLN C 19 -1.46 19.04 34.21
CA GLN C 19 -2.54 18.20 34.74
C GLN C 19 -3.83 18.34 33.94
N ARG C 20 -4.06 19.51 33.38
CA ARG C 20 -5.33 19.81 32.72
C ARG C 20 -5.20 19.57 31.23
N CYS C 21 -5.70 18.44 30.75
CA CYS C 21 -5.37 17.95 29.42
C CYS C 21 -6.30 16.87 28.91
N VAL C 22 -6.19 16.58 27.63
CA VAL C 22 -7.02 15.58 26.99
C VAL C 22 -6.16 14.60 26.19
N TYR C 23 -6.71 13.42 25.92
CA TYR C 23 -6.11 12.40 25.07
C TYR C 23 -6.97 12.16 23.83
N SER C 24 -7.96 13.04 23.66
CA SER C 24 -8.86 13.03 22.52
C SER C 24 -9.29 14.46 22.25
N PHE C 25 -9.32 14.83 20.97
CA PHE C 25 -10.06 15.98 20.51
C PHE C 25 -11.46 15.47 20.21
N SER C 26 -12.42 15.89 21.05
CA SER C 26 -13.83 15.51 20.92
C SER C 26 -14.70 16.71 20.72
N ALA C 27 -15.84 16.53 20.06
CA ALA C 27 -16.80 17.60 19.87
C ALA C 27 -17.36 18.10 21.20
N ASN C 28 -17.39 17.21 22.20
CA ASN C 28 -18.02 17.49 23.48
C ASN C 28 -17.08 18.03 24.54
N MSE C 29 -15.80 18.18 24.23
CA MSE C 29 -14.82 18.55 25.24
C MSE C 29 -15.28 19.74 26.06
O MSE C 29 -15.69 20.76 25.49
CB MSE C 29 -13.50 18.95 24.61
CG MSE C 29 -12.75 17.85 23.95
SE MSE C 29 -11.11 18.57 23.16
CE MSE C 29 -11.77 19.91 21.98
N ALA C 30 -15.18 19.62 27.39
CA ALA C 30 -15.35 20.75 28.28
C ALA C 30 -14.00 21.46 28.41
N PRO C 31 -14.00 22.81 28.49
CA PRO C 31 -12.80 23.62 28.66
C PRO C 31 -12.31 23.73 30.12
N VAL C 32 -11.04 24.08 30.26
CA VAL C 32 -10.41 24.16 31.58
C VAL C 32 -9.89 25.58 31.80
N GLU C 33 -10.20 26.46 30.86
CA GLU C 33 -9.75 27.85 30.89
C GLU C 33 -10.42 28.61 29.75
N GLU C 34 -10.62 29.90 29.93
CA GLU C 34 -11.14 30.73 28.85
C GLU C 34 -10.28 31.97 28.65
N VAL C 35 -10.18 32.40 27.38
CA VAL C 35 -9.39 33.56 27.01
C VAL C 35 -10.17 34.43 26.05
N TYR C 36 -9.66 35.64 25.84
CA TYR C 36 -10.21 36.56 24.85
C TYR C 36 -9.25 36.63 23.69
N PRO C 37 -9.76 36.92 22.48
CA PRO C 37 -8.89 37.15 21.33
C PRO C 37 -7.91 38.29 21.61
N GLY C 38 -6.63 38.08 21.32
CA GLY C 38 -5.59 39.03 21.68
C GLY C 38 -4.80 38.67 22.93
N GLU C 39 -5.38 37.83 23.80
CA GLU C 39 -4.68 37.40 25.01
C GLU C 39 -3.54 36.42 24.70
N GLN C 40 -2.56 36.39 25.60
CA GLN C 40 -1.50 35.39 25.59
C GLN C 40 -1.79 34.28 26.62
N VAL C 41 -1.38 33.06 26.33
CA VAL C 41 -1.65 31.93 27.19
C VAL C 41 -0.42 31.03 27.19
N VAL C 42 0.09 30.70 28.38
CA VAL C 42 1.18 29.74 28.52
C VAL C 42 0.61 28.34 28.69
N PHE C 43 0.91 27.44 27.74
CA PHE C 43 0.60 26.02 27.91
C PHE C 43 1.83 25.28 28.45
N GLU C 44 1.71 24.71 29.64
CA GLU C 44 2.72 23.79 30.14
C GLU C 44 2.38 22.40 29.64
N THR C 45 3.35 21.69 29.10
CA THR C 45 3.13 20.37 28.51
C THR C 45 4.04 19.29 29.10
N LEU C 46 3.50 18.06 29.21
CA LEU C 46 4.30 16.86 29.43
C LEU C 46 4.86 16.37 28.09
N ASP C 47 5.94 15.61 28.11
CA ASP C 47 6.37 14.87 26.92
C ASP C 47 5.31 13.83 26.53
N ALA C 48 5.23 13.52 25.24
CA ALA C 48 4.18 12.65 24.70
C ALA C 48 4.10 11.22 25.30
N LEU C 49 5.17 10.74 25.93
CA LEU C 49 5.18 9.44 26.61
C LEU C 49 4.71 9.57 28.07
N GLY C 50 4.81 10.78 28.63
CA GLY C 50 4.31 11.08 29.98
C GLY C 50 5.34 10.91 31.09
N GLY C 51 5.94 9.72 31.17
CA GLY C 51 6.89 9.36 32.23
C GLY C 51 7.01 7.83 32.36
N SER C 52 6.01 7.22 32.96
CA SER C 52 5.95 5.76 33.16
C SER C 52 5.15 5.08 32.04
N SER C 59 0.77 3.47 27.01
CA SER C 59 0.08 3.81 25.77
C SER C 59 -1.41 4.07 26.00
N LYS C 60 -1.71 4.70 27.14
CA LYS C 60 -3.00 5.37 27.37
C LYS C 60 -2.65 6.84 27.62
N VAL C 61 -1.86 7.41 26.70
CA VAL C 61 -1.26 8.76 26.83
C VAL C 61 -0.56 9.32 25.53
N ASN C 62 -1.02 10.50 25.07
CA ASN C 62 -0.22 11.51 24.34
C ASN C 62 -0.84 12.93 24.64
N PRO C 63 -0.62 13.45 25.87
CA PRO C 63 -1.54 14.48 26.40
C PRO C 63 -1.38 15.84 25.76
N ALA C 64 -2.50 16.47 25.45
CA ALA C 64 -2.52 17.83 24.97
C ALA C 64 -3.10 18.71 26.08
N THR C 65 -2.34 19.73 26.47
CA THR C 65 -2.77 20.65 27.51
C THR C 65 -3.93 21.53 27.04
N GLY C 66 -4.99 21.59 27.85
CA GLY C 66 -6.21 22.30 27.49
C GLY C 66 -7.45 21.45 27.71
N PRO C 67 -8.56 21.76 27.02
CA PRO C 67 -8.76 22.77 25.99
C PRO C 67 -9.15 24.15 26.53
N VAL C 68 -8.77 25.19 25.77
CA VAL C 68 -9.06 26.57 26.13
C VAL C 68 -10.23 27.07 25.29
N PHE C 69 -11.19 27.71 25.95
CA PHE C 69 -12.34 28.27 25.28
C PHE C 69 -12.05 29.73 24.92
N VAL C 70 -12.11 30.05 23.63
CA VAL C 70 -11.82 31.40 23.15
C VAL C 70 -13.14 32.14 22.92
N ASN C 71 -13.39 33.17 23.73
CA ASN C 71 -14.59 33.99 23.53
C ASN C 71 -14.59 34.70 22.18
N GLY C 72 -15.74 34.68 21.50
CA GLY C 72 -15.90 35.29 20.20
C GLY C 72 -15.65 34.39 18.99
N VAL C 73 -15.14 33.19 19.20
CA VAL C 73 -14.88 32.27 18.08
C VAL C 73 -16.15 31.43 17.82
N LYS C 74 -16.48 31.23 16.55
CA LYS C 74 -17.66 30.47 16.17
C LYS C 74 -17.31 29.38 15.15
N PRO C 75 -18.15 28.34 15.04
CA PRO C 75 -17.96 27.41 13.93
C PRO C 75 -17.86 28.13 12.59
N GLY C 76 -16.95 27.70 11.73
CA GLY C 76 -16.75 28.33 10.44
C GLY C 76 -15.66 29.37 10.47
N ASP C 77 -15.30 29.84 11.66
CA ASP C 77 -14.21 30.78 11.78
C ASP C 77 -12.89 30.03 11.74
N THR C 78 -11.81 30.80 11.71
CA THR C 78 -10.46 30.28 11.77
C THR C 78 -9.81 30.78 13.03
N LEU C 79 -9.29 29.86 13.83
CA LEU C 79 -8.49 30.24 14.99
C LEU C 79 -7.04 30.47 14.56
N LYS C 80 -6.48 31.59 15.00
CA LYS C 80 -5.08 31.95 14.71
C LYS C 80 -4.24 31.90 15.98
N VAL C 81 -3.32 30.95 16.05
CA VAL C 81 -2.48 30.76 17.22
C VAL C 81 -1.07 31.15 16.81
N ARG C 82 -0.58 32.25 17.37
CA ARG C 82 0.76 32.71 17.09
C ARG C 82 1.66 32.13 18.15
N ILE C 83 2.66 31.36 17.72
CA ILE C 83 3.59 30.74 18.65
C ILE C 83 4.69 31.73 18.98
N LYS C 84 4.66 32.31 20.18
CA LYS C 84 5.60 33.34 20.61
C LYS C 84 6.88 32.77 21.23
N ARG C 85 6.75 31.76 22.07
CA ARG C 85 7.91 31.23 22.78
C ARG C 85 7.72 29.74 23.02
N ILE C 86 8.81 28.97 22.90
CA ILE C 86 8.82 27.54 23.29
C ILE C 86 10.00 27.33 24.23
N GLU C 87 9.74 27.23 25.51
CA GLU C 87 10.80 27.03 26.49
C GLU C 87 11.05 25.53 26.75
N LEU C 88 12.22 25.05 26.28
CA LEU C 88 12.66 23.67 26.42
C LEU C 88 13.48 23.42 27.69
N PRO C 89 13.49 22.16 28.16
CA PRO C 89 14.37 21.75 29.27
C PRO C 89 15.76 21.35 28.76
N ARG C 90 16.62 20.86 29.65
CA ARG C 90 18.00 20.46 29.27
C ARG C 90 18.12 18.98 28.86
N ARG C 91 17.07 18.17 29.05
CA ARG C 91 17.11 16.76 28.67
C ARG C 91 15.86 16.27 27.94
N GLY C 92 16.07 15.28 27.08
CA GLY C 92 15.01 14.75 26.23
C GLY C 92 15.08 13.24 26.08
N MSE C 93 14.07 12.69 25.41
CA MSE C 93 13.81 11.26 25.35
C MSE C 93 13.44 10.92 23.90
O MSE C 93 12.58 11.58 23.31
CB MSE C 93 12.62 10.97 26.25
CG MSE C 93 12.33 9.53 26.54
SE MSE C 93 13.66 8.71 27.73
CE MSE C 93 14.08 10.23 29.04
N ILE C 94 14.11 9.91 23.33
CA ILE C 94 13.68 9.34 22.05
C ILE C 94 13.39 7.84 22.25
N VAL C 95 12.44 7.29 21.51
CA VAL C 95 12.13 5.85 21.61
C VAL C 95 11.81 5.20 20.27
N THR C 96 12.05 3.89 20.21
CA THR C 96 11.64 3.10 19.06
C THR C 96 11.56 1.63 19.44
N GLY C 97 11.13 0.79 18.50
CA GLY C 97 11.00 -0.64 18.76
C GLY C 97 10.16 -1.37 17.75
N LYS C 98 9.94 -2.68 17.96
CA LYS C 98 9.06 -3.48 17.11
C LYS C 98 7.67 -2.86 17.04
N GLY C 99 7.16 -2.74 15.82
CA GLY C 99 5.86 -2.15 15.55
C GLY C 99 5.78 -0.64 15.62
N PHE C 100 6.94 0.03 15.65
CA PHE C 100 6.96 1.50 15.69
C PHE C 100 7.73 2.07 14.51
N GLY C 101 7.16 3.09 13.89
CA GLY C 101 7.81 3.82 12.79
C GLY C 101 7.71 3.12 11.44
N VAL C 102 8.35 3.72 10.45
CA VAL C 102 8.29 3.26 9.06
C VAL C 102 8.79 1.83 8.93
N LEU C 103 9.78 1.46 9.76
CA LEU C 103 10.42 0.15 9.74
C LEU C 103 10.14 -0.70 10.98
N GLY C 104 9.01 -0.46 11.65
CA GLY C 104 8.65 -1.19 12.86
C GLY C 104 8.50 -2.70 12.67
N ASP C 105 8.12 -3.09 11.46
CA ASP C 105 7.97 -4.49 11.10
C ASP C 105 9.31 -5.21 10.91
N GLU C 106 10.43 -4.52 11.12
CA GLU C 106 11.75 -5.08 10.85
C GLU C 106 12.75 -4.84 11.98
N VAL C 107 12.32 -4.06 12.99
CA VAL C 107 13.13 -3.76 14.17
C VAL C 107 12.66 -4.64 15.31
N GLU C 108 13.57 -4.96 16.22
CA GLU C 108 13.28 -5.82 17.37
C GLU C 108 13.46 -5.07 18.69
N GLY C 109 12.79 -5.56 19.73
CA GLY C 109 12.92 -5.00 21.06
C GLY C 109 12.26 -3.64 21.26
N PHE C 110 12.49 -3.09 22.43
CA PHE C 110 12.05 -1.76 22.77
C PHE C 110 13.27 -0.96 23.23
N HIS C 111 13.39 0.27 22.75
CA HIS C 111 14.59 1.08 22.98
C HIS C 111 14.26 2.52 23.36
N THR C 112 14.98 3.04 24.34
CA THR C 112 14.86 4.43 24.74
C THR C 112 16.25 5.04 24.93
N LYS C 113 16.37 6.34 24.68
CA LYS C 113 17.63 7.05 24.85
C LYS C 113 17.38 8.47 25.39
N GLU C 114 18.10 8.83 26.45
CA GLU C 114 18.11 10.20 26.95
C GLU C 114 19.03 11.03 26.07
N LEU C 115 18.61 12.24 25.75
CA LEU C 115 19.38 13.16 24.92
C LEU C 115 19.60 14.46 25.68
N GLU C 116 20.82 14.99 25.60
CA GLU C 116 21.15 16.28 26.19
C GLU C 116 20.74 17.37 25.20
N ILE C 117 20.15 18.44 25.71
CA ILE C 117 19.73 19.59 24.90
C ILE C 117 20.49 20.84 25.31
N GLU C 118 21.29 21.35 24.40
CA GLU C 118 21.98 22.63 24.56
C GLU C 118 21.15 23.72 23.86
N LYS C 119 21.61 24.97 23.91
CA LYS C 119 20.86 26.07 23.31
C LYS C 119 20.70 25.91 21.80
N TRP C 120 21.79 25.57 21.11
CA TRP C 120 21.77 25.46 19.63
C TRP C 120 21.75 24.03 19.06
N ALA C 121 21.91 23.01 19.92
CA ALA C 121 22.04 21.63 19.45
C ALA C 121 21.45 20.58 20.42
N VAL C 122 20.87 19.53 19.86
CA VAL C 122 20.54 18.32 20.62
C VAL C 122 21.71 17.37 20.35
N LEU C 123 22.21 16.73 21.39
CA LEU C 123 23.40 15.85 21.29
C LEU C 123 22.96 14.39 21.27
N PHE C 124 23.46 13.65 20.28
CA PHE C 124 23.19 12.22 20.11
C PHE C 124 24.56 11.54 19.93
N ASP C 125 25.10 11.06 21.05
CA ASP C 125 26.48 10.57 21.11
C ASP C 125 27.40 11.73 20.71
N GLY C 126 28.17 11.58 19.64
CA GLY C 126 29.04 12.67 19.20
C GLY C 126 28.34 13.74 18.40
N VAL C 127 27.12 13.47 17.98
CA VAL C 127 26.49 14.29 16.95
C VAL C 127 25.71 15.48 17.51
N ARG C 128 25.99 16.66 16.96
CA ARG C 128 25.24 17.87 17.28
C ARG C 128 24.15 18.10 16.25
N ILE C 129 22.91 17.78 16.58
CA ILE C 129 21.80 18.05 15.69
C ILE C 129 21.33 19.49 15.91
N PRO C 130 21.29 20.31 14.85
CA PRO C 130 20.74 21.66 15.02
C PRO C 130 19.41 21.66 15.76
N ILE C 131 19.28 22.54 16.73
CA ILE C 131 18.06 22.64 17.52
C ILE C 131 16.93 23.11 16.62
N HIS C 132 15.73 22.55 16.78
CA HIS C 132 14.56 23.00 16.02
C HIS C 132 13.25 22.81 16.81
N PRO C 133 13.00 23.70 17.77
CA PRO C 133 11.84 23.54 18.65
C PRO C 133 10.51 23.58 17.92
N MSE C 134 9.60 22.65 18.24
CA MSE C 134 8.35 22.56 17.54
C MSE C 134 7.24 21.95 18.41
O MSE C 134 7.53 21.23 19.35
CB MSE C 134 8.55 21.73 16.26
CG MSE C 134 9.33 20.45 16.47
SE MSE C 134 8.96 19.02 15.21
CE MSE C 134 7.03 18.89 15.40
N VAL C 135 6.00 22.24 18.07
CA VAL C 135 4.85 21.69 18.76
C VAL C 135 4.25 20.61 17.87
N GLY C 136 4.30 19.37 18.34
CA GLY C 136 3.88 18.21 17.52
C GLY C 136 2.38 18.06 17.42
N VAL C 137 1.68 18.31 18.54
CA VAL C 137 0.25 18.25 18.58
C VAL C 137 -0.31 19.63 18.81
N ILE C 138 -1.25 20.02 17.97
CA ILE C 138 -2.02 21.23 18.19
C ILE C 138 -3.33 21.04 17.47
N GLY C 139 -4.43 21.45 18.08
CA GLY C 139 -5.76 21.16 17.52
C GLY C 139 -6.93 21.78 18.26
N VAL C 140 -8.11 21.69 17.66
CA VAL C 140 -9.35 22.17 18.24
C VAL C 140 -10.38 21.03 18.23
N ALA C 141 -11.54 21.28 18.83
CA ALA C 141 -12.64 20.30 18.82
C ALA C 141 -13.11 20.11 17.39
N PRO C 142 -13.29 18.85 16.98
CA PRO C 142 -13.84 18.55 15.66
C PRO C 142 -15.35 18.73 15.56
N GLN C 143 -15.87 18.50 14.36
CA GLN C 143 -17.28 18.58 14.07
C GLN C 143 -18.08 17.51 14.82
N GLU C 144 -17.64 16.26 14.71
CA GLU C 144 -18.34 15.15 15.36
C GLU C 144 -17.33 14.09 15.75
N GLY C 145 -17.76 13.20 16.63
CA GLY C 145 -16.95 12.09 17.10
C GLY C 145 -15.80 12.56 17.94
N GLU C 146 -14.76 11.72 17.98
CA GLU C 146 -13.53 12.07 18.67
C GLU C 146 -12.34 11.44 17.96
N TYR C 147 -11.19 12.12 18.07
CA TYR C 147 -9.94 11.68 17.47
C TYR C 147 -8.90 11.67 18.57
N PRO C 148 -8.23 10.54 18.78
CA PRO C 148 -7.14 10.58 19.76
C PRO C 148 -6.06 11.63 19.41
N THR C 149 -5.38 12.14 20.44
CA THR C 149 -4.35 13.15 20.26
C THR C 149 -3.14 12.63 19.49
N GLY C 150 -3.10 11.31 19.28
CA GLY C 150 -2.06 10.64 18.51
C GLY C 150 -2.29 10.60 17.01
N THR C 151 -3.48 10.95 16.57
CA THR C 151 -3.80 11.04 15.15
C THR C 151 -4.13 12.49 14.80
N ALA C 152 -4.44 12.76 13.53
CA ALA C 152 -4.75 14.13 13.08
C ALA C 152 -5.75 14.13 11.94
N HIS C 153 -6.46 15.25 11.79
CA HIS C 153 -7.40 15.44 10.68
C HIS C 153 -7.59 16.94 10.48
N ARG C 154 -8.77 17.41 10.11
CA ARG C 154 -8.92 18.81 9.73
C ARG C 154 -8.85 19.74 10.93
N HIS C 155 -9.29 19.26 12.07
CA HIS C 155 -9.15 19.98 13.34
C HIS C 155 -7.71 20.08 13.82
N GLY C 156 -6.78 19.45 13.12
CA GLY C 156 -5.40 19.33 13.59
C GLY C 156 -5.16 18.02 14.33
N GLY C 157 -4.25 18.05 15.30
CA GLY C 157 -3.87 16.86 16.09
C GLY C 157 -2.37 16.57 16.01
N ASN C 158 -2.02 15.30 15.99
CA ASN C 158 -0.64 14.85 15.92
C ASN C 158 -0.03 15.02 14.51
N MSE C 159 0.12 16.27 14.10
CA MSE C 159 0.61 16.58 12.75
C MSE C 159 2.14 16.52 12.61
O MSE C 159 2.65 16.52 11.49
CB MSE C 159 0.10 17.96 12.34
CG MSE C 159 -1.40 18.11 12.44
SE MSE C 159 -1.92 19.87 11.83
CE MSE C 159 -1.14 21.00 13.28
N ASP C 160 2.87 16.50 13.73
CA ASP C 160 4.34 16.56 13.77
C ASP C 160 4.96 17.33 12.59
N THR C 161 4.61 18.60 12.49
CA THR C 161 5.06 19.46 11.40
C THR C 161 6.11 20.43 11.91
N LYS C 162 7.34 20.29 11.41
CA LYS C 162 8.49 21.02 11.99
C LYS C 162 8.43 22.52 11.78
N GLU C 163 7.62 22.97 10.83
CA GLU C 163 7.43 24.41 10.61
C GLU C 163 6.53 25.07 11.69
N ILE C 164 5.90 24.26 12.56
CA ILE C 164 5.15 24.79 13.71
C ILE C 164 6.14 25.04 14.83
N THR C 165 6.83 26.17 14.69
CA THR C 165 7.86 26.59 15.61
C THR C 165 7.58 28.03 16.03
N GLU C 166 8.53 28.64 16.75
CA GLU C 166 8.40 30.00 17.18
C GLU C 166 8.28 30.92 15.98
N ASN C 167 7.57 32.02 16.22
CA ASN C 167 7.43 33.09 15.25
C ASN C 167 6.65 32.68 14.00
N VAL C 168 5.67 31.79 14.18
CA VAL C 168 4.69 31.46 13.13
C VAL C 168 3.26 31.56 13.67
N THR C 169 2.30 31.64 12.76
CA THR C 169 0.89 31.61 13.12
C THR C 169 0.25 30.34 12.52
N VAL C 170 -0.38 29.53 13.36
CA VAL C 170 -1.11 28.37 12.90
C VAL C 170 -2.56 28.77 12.72
N HIS C 171 -3.12 28.45 11.56
CA HIS C 171 -4.52 28.71 11.28
C HIS C 171 -5.28 27.38 11.37
N LEU C 172 -6.25 27.31 12.26
CA LEU C 172 -7.02 26.10 12.48
C LEU C 172 -8.50 26.38 12.26
N PRO C 173 -9.18 25.53 11.46
CA PRO C 173 -10.61 25.70 11.24
C PRO C 173 -11.37 25.33 12.47
N VAL C 174 -12.34 26.15 12.85
CA VAL C 174 -13.10 25.97 14.08
C VAL C 174 -14.40 25.21 13.77
N PHE C 175 -14.72 24.21 14.59
CA PHE C 175 -15.97 23.43 14.42
C PHE C 175 -16.97 23.61 15.57
N GLN C 176 -16.47 23.90 16.77
CA GLN C 176 -17.31 24.10 17.94
C GLN C 176 -17.15 25.52 18.48
N GLU C 177 -18.19 26.02 19.17
CA GLU C 177 -18.10 27.28 19.90
C GLU C 177 -16.81 27.36 20.73
N GLY C 178 -16.16 28.52 20.71
CA GLY C 178 -14.97 28.74 21.53
C GLY C 178 -13.71 28.01 21.09
N ALA C 179 -13.75 27.32 19.95
CA ALA C 179 -12.60 26.59 19.37
C ALA C 179 -12.24 25.33 20.17
N LEU C 180 -11.84 25.53 21.43
CA LEU C 180 -11.46 24.45 22.35
C LEU C 180 -10.10 23.94 21.94
N LEU C 181 -9.09 24.75 22.24
CA LEU C 181 -7.72 24.61 21.73
C LEU C 181 -6.85 23.82 22.71
N ALA C 182 -6.21 22.77 22.20
CA ALA C 182 -5.31 21.95 23.01
C ALA C 182 -3.99 21.71 22.28
N LEU C 183 -2.92 21.51 23.05
CA LEU C 183 -1.56 21.65 22.54
C LEU C 183 -0.58 20.78 23.33
N GLY C 184 0.39 20.19 22.65
CA GLY C 184 1.39 19.40 23.37
C GLY C 184 2.41 18.77 22.45
N ASP C 185 3.06 17.71 22.94
CA ASP C 185 3.94 16.89 22.15
C ASP C 185 5.03 17.76 21.51
N VAL C 186 5.78 18.45 22.36
CA VAL C 186 6.83 19.35 21.90
C VAL C 186 8.13 18.60 21.69
N HIS C 187 8.90 18.97 20.67
CA HIS C 187 10.21 18.39 20.44
C HIS C 187 11.28 19.46 20.41
N ALA C 188 12.51 19.08 20.77
CA ALA C 188 13.66 19.99 20.66
C ALA C 188 14.17 20.03 19.24
N THR C 189 14.04 18.91 18.54
CA THR C 189 14.39 18.82 17.14
C THR C 189 13.68 17.59 16.54
N MSE C 190 13.68 17.51 15.20
CA MSE C 190 13.02 16.41 14.48
C MSE C 190 13.36 16.49 13.00
O MSE C 190 13.67 17.57 12.48
CB MSE C 190 11.51 16.52 14.61
CG MSE C 190 10.74 15.29 14.15
SE MSE C 190 8.88 15.75 13.90
CE MSE C 190 9.07 16.87 12.33
N GLY C 191 13.29 15.34 12.32
CA GLY C 191 13.42 15.28 10.87
C GLY C 191 12.10 14.98 10.19
N ASP C 192 11.88 15.59 9.03
CA ASP C 192 10.67 15.29 8.26
C ASP C 192 10.52 13.77 8.12
N GLY C 193 9.32 13.28 8.42
CA GLY C 193 9.03 11.86 8.38
C GLY C 193 8.91 11.21 9.75
N GLU C 194 9.65 11.73 10.73
CA GLU C 194 9.63 11.22 12.11
C GLU C 194 9.75 9.70 12.08
N VAL C 195 10.74 9.22 11.31
CA VAL C 195 10.72 7.86 10.76
C VAL C 195 10.70 6.70 11.78
N CYS C 196 11.21 6.91 13.01
CA CYS C 196 11.19 5.82 14.00
C CYS C 196 10.00 5.83 14.96
N VAL C 197 9.16 6.86 14.83
CA VAL C 197 7.90 7.07 15.61
C VAL C 197 7.98 8.31 16.53
N SER C 198 9.16 8.62 17.06
CA SER C 198 9.31 9.75 17.95
C SER C 198 10.46 10.68 17.56
N ALA C 199 10.39 11.91 18.04
CA ALA C 199 11.46 12.88 17.90
C ALA C 199 12.17 12.97 19.25
N CYS C 200 12.86 14.07 19.46
CA CYS C 200 13.43 14.38 20.76
C CYS C 200 12.34 14.94 21.69
N GLU C 201 11.64 14.04 22.39
CA GLU C 201 10.44 14.39 23.16
C GLU C 201 10.85 15.12 24.44
N VAL C 202 10.13 16.20 24.76
CA VAL C 202 10.38 16.97 25.98
C VAL C 202 9.11 17.62 26.56
N PRO C 203 9.08 17.77 27.88
CA PRO C 203 8.07 18.68 28.45
C PRO C 203 8.48 20.11 28.14
N ALA C 204 7.54 21.05 28.03
CA ALA C 204 7.93 22.42 27.79
C ALA C 204 6.84 23.37 28.19
N LYS C 205 7.16 24.66 28.10
CA LYS C 205 6.18 25.73 28.20
C LYS C 205 6.05 26.33 26.81
N VAL C 206 4.83 26.66 26.40
CA VAL C 206 4.58 27.16 25.06
C VAL C 206 3.67 28.38 25.20
N VAL C 207 4.23 29.57 24.96
CA VAL C 207 3.50 30.83 25.03
C VAL C 207 2.90 31.11 23.66
N VAL C 208 1.58 31.30 23.61
CA VAL C 208 0.88 31.57 22.35
C VAL C 208 0.01 32.82 22.50
N GLU C 209 -0.23 33.47 21.37
CA GLU C 209 -1.13 34.61 21.28
C GLU C 209 -2.29 34.20 20.37
N ILE C 210 -3.51 34.28 20.88
CA ILE C 210 -4.65 33.80 20.13
C ILE C 210 -5.45 34.94 19.52
N ASP C 211 -5.87 34.74 18.28
CA ASP C 211 -6.79 35.65 17.63
C ASP C 211 -7.67 34.85 16.68
N VAL C 212 -8.52 35.55 15.93
CA VAL C 212 -9.58 34.93 15.18
C VAL C 212 -9.76 35.61 13.83
N SER C 213 -10.27 34.86 12.87
CA SER C 213 -10.57 35.37 11.54
C SER C 213 -11.88 34.79 11.08
N LYS C 214 -12.67 35.58 10.34
CA LYS C 214 -13.94 35.10 9.80
C LYS C 214 -13.76 34.18 8.57
N GLU C 215 -12.55 34.14 8.02
CA GLU C 215 -12.27 33.31 6.84
C GLU C 215 -12.38 31.84 7.13
N GLU C 216 -13.17 31.12 6.33
CA GLU C 216 -13.25 29.66 6.44
C GLU C 216 -12.10 28.96 5.73
N ILE C 217 -11.51 27.94 6.36
CA ILE C 217 -10.46 27.11 5.74
C ILE C 217 -10.81 25.65 5.96
N LYS C 218 -10.27 24.77 5.12
CA LYS C 218 -10.62 23.35 5.19
C LYS C 218 -9.62 22.64 6.10
N TRP C 219 -8.34 22.71 5.74
CA TRP C 219 -7.27 22.11 6.53
C TRP C 219 -6.47 23.19 7.23
N PRO C 220 -5.69 22.82 8.26
CA PRO C 220 -4.80 23.79 8.92
C PRO C 220 -3.78 24.39 8.00
N VAL C 221 -3.45 25.65 8.21
CA VAL C 221 -2.37 26.32 7.46
C VAL C 221 -1.36 26.82 8.45
N VAL C 222 -0.07 26.65 8.15
CA VAL C 222 0.95 27.28 8.97
C VAL C 222 1.57 28.43 8.21
N GLU C 223 1.54 29.63 8.82
CA GLU C 223 2.03 30.86 8.17
C GLU C 223 3.37 31.31 8.74
N THR C 224 4.40 31.27 7.90
CA THR C 224 5.72 31.69 8.30
C THR C 224 5.90 33.09 7.78
N ASN C 225 7.06 33.67 8.00
CA ASN C 225 7.31 35.02 7.50
CA ASN C 225 7.36 35.02 7.49
C ASN C 225 7.35 35.07 5.96
N ASP C 226 7.51 33.92 5.30
CA ASP C 226 7.61 33.89 3.83
C ASP C 226 6.81 32.83 3.08
N ALA C 227 6.03 31.99 3.76
CA ALA C 227 5.23 31.01 3.06
C ALA C 227 3.97 30.66 3.84
N TYR C 228 3.08 29.95 3.16
CA TYR C 228 1.96 29.26 3.79
C TYR C 228 2.22 27.80 3.62
N TYR C 229 2.03 27.03 4.67
CA TYR C 229 2.05 25.59 4.54
C TYR C 229 0.65 25.04 4.82
N ILE C 230 0.05 24.41 3.83
CA ILE C 230 -1.20 23.67 4.05
C ILE C 230 -0.86 22.26 4.53
N ILE C 231 -1.51 21.82 5.60
CA ILE C 231 -1.13 20.56 6.25
C ILE C 231 -2.30 19.60 6.24
N VAL C 232 -2.16 18.51 5.48
CA VAL C 232 -3.24 17.51 5.34
C VAL C 232 -2.83 16.20 5.97
N SER C 233 -3.68 15.69 6.85
CA SER C 233 -3.46 14.41 7.51
C SER C 233 -4.56 13.42 7.15
N LEU C 234 -4.22 12.36 6.44
CA LEU C 234 -5.17 11.32 6.09
C LEU C 234 -4.61 9.90 6.34
N PRO C 235 -5.47 8.90 6.54
CA PRO C 235 -4.99 7.53 6.78
C PRO C 235 -3.90 6.97 5.83
N ASP C 236 -3.98 7.25 4.53
CA ASP C 236 -2.88 6.84 3.64
C ASP C 236 -2.19 8.02 2.94
N ILE C 237 -0.86 8.02 2.98
CA ILE C 237 -0.06 9.15 2.52
C ILE C 237 -0.33 9.55 1.07
N GLU C 238 -0.73 8.60 0.24
CA GLU C 238 -1.05 8.90 -1.14
C GLU C 238 -2.25 9.85 -1.22
N GLU C 239 -3.31 9.56 -0.46
CA GLU C 239 -4.49 10.45 -0.45
C GLU C 239 -4.15 11.84 0.10
N ALA C 240 -3.31 11.86 1.13
CA ALA C 240 -2.89 13.11 1.71
C ALA C 240 -2.20 13.97 0.65
N LEU C 241 -1.33 13.37 -0.16
CA LEU C 241 -0.58 14.15 -1.16
C LEU C 241 -1.52 14.72 -2.22
N LYS C 242 -2.54 13.95 -2.60
CA LYS C 242 -3.51 14.42 -3.56
C LYS C 242 -4.31 15.58 -2.98
N GLU C 243 -4.76 15.43 -1.74
CA GLU C 243 -5.64 16.42 -1.14
C GLU C 243 -4.91 17.75 -0.95
N VAL C 244 -3.66 17.69 -0.52
CA VAL C 244 -2.89 18.88 -0.29
C VAL C 244 -2.60 19.62 -1.61
N THR C 245 -2.33 18.87 -2.68
CA THR C 245 -2.17 19.48 -4.00
C THR C 245 -3.47 20.15 -4.43
N ARG C 246 -4.58 19.44 -4.28
CA ARG C 246 -5.90 19.92 -4.63
CA ARG C 246 -5.88 19.97 -4.67
C ARG C 246 -6.18 21.21 -3.86
N GLU C 247 -5.95 21.14 -2.55
CA GLU C 247 -6.10 22.33 -1.70
C GLU C 247 -5.18 23.48 -2.09
N THR C 248 -3.97 23.16 -2.54
CA THR C 248 -2.98 24.18 -2.88
C THR C 248 -3.37 24.96 -4.14
N VAL C 249 -3.81 24.24 -5.16
CA VAL C 249 -4.14 24.89 -6.41
C VAL C 249 -5.36 25.80 -6.22
N TRP C 250 -6.36 25.32 -5.48
CA TRP C 250 -7.53 26.13 -5.17
C TRP C 250 -7.21 27.35 -4.32
N PHE C 251 -6.26 27.22 -3.41
CA PHE C 251 -5.74 28.36 -2.65
C PHE C 251 -5.17 29.43 -3.61
N ILE C 252 -4.25 29.00 -4.48
CA ILE C 252 -3.64 29.93 -5.43
C ILE C 252 -4.70 30.51 -6.40
N GLN C 253 -5.55 29.62 -6.92
CA GLN C 253 -6.64 30.00 -7.81
C GLN C 253 -7.50 31.10 -7.19
N ARG C 254 -7.83 30.96 -5.92
CA ARG C 254 -8.75 31.89 -5.27
C ARG C 254 -8.09 33.20 -4.90
N ARG C 255 -6.88 33.16 -4.37
CA ARG C 255 -6.22 34.36 -3.88
C ARG C 255 -5.65 35.23 -4.97
N LYS C 256 -5.45 34.66 -6.16
CA LYS C 256 -5.03 35.42 -7.34
C LYS C 256 -6.13 35.62 -8.37
N THR C 257 -7.27 34.96 -8.19
CA THR C 257 -8.36 35.03 -9.20
C THR C 257 -7.80 34.78 -10.59
N ILE C 258 -7.18 33.62 -10.77
CA ILE C 258 -6.67 33.19 -12.07
C ILE C 258 -7.29 31.84 -12.39
N PRO C 259 -7.26 31.42 -13.65
CA PRO C 259 -7.90 30.14 -13.96
C PRO C 259 -7.22 28.97 -13.24
N PHE C 260 -8.00 27.92 -12.98
CA PHE C 260 -7.50 26.73 -12.31
C PHE C 260 -6.21 26.21 -12.95
N THR C 261 -6.20 26.09 -14.28
CA THR C 261 -5.05 25.51 -14.98
C THR C 261 -3.82 26.40 -14.87
N ASP C 262 -3.98 27.71 -14.89
CA ASP C 262 -2.86 28.63 -14.60
C ASP C 262 -2.34 28.44 -13.16
N ALA C 263 -3.25 28.39 -12.20
CA ALA C 263 -2.90 28.08 -10.80
C ALA C 263 -2.11 26.76 -10.68
N TYR C 264 -2.48 25.78 -11.48
CA TYR C 264 -1.92 24.43 -11.42
C TYR C 264 -0.48 24.42 -11.96
N MSE C 265 -0.25 25.13 -13.05
CA MSE C 265 1.09 25.26 -13.59
C MSE C 265 1.99 26.03 -12.60
O MSE C 265 3.12 25.63 -12.36
CB MSE C 265 1.03 25.92 -14.98
CG MSE C 265 0.46 25.01 -16.08
SE MSE C 265 0.27 25.88 -17.85
CE MSE C 265 0.20 24.33 -18.95
N LEU C 266 1.46 27.08 -12.00
CA LEU C 266 2.16 27.85 -10.97
C LEU C 266 2.56 26.97 -9.81
N ALA C 267 1.65 26.10 -9.37
CA ALA C 267 1.94 25.16 -8.29
C ALA C 267 3.14 24.26 -8.63
N SER C 268 3.19 23.81 -9.86
CA SER C 268 4.27 22.95 -10.31
C SER C 268 5.64 23.63 -10.25
N LEU C 269 5.65 24.95 -10.43
CA LEU C 269 6.88 25.72 -10.53
C LEU C 269 7.38 26.24 -9.20
N SER C 270 6.45 26.58 -8.34
CA SER C 270 6.80 27.35 -7.15
C SER C 270 6.44 26.69 -5.84
N VAL C 271 5.59 25.65 -5.87
CA VAL C 271 5.18 24.98 -4.64
C VAL C 271 5.99 23.71 -4.41
N ASP C 272 6.45 23.52 -3.18
CA ASP C 272 7.12 22.29 -2.78
C ASP C 272 6.17 21.44 -1.92
N VAL C 273 5.81 20.26 -2.43
CA VAL C 273 5.02 19.29 -1.68
C VAL C 273 5.92 18.40 -0.87
N GLY C 274 5.48 18.02 0.33
CA GLY C 274 6.34 17.31 1.27
C GLY C 274 5.67 16.44 2.31
N ILE C 275 6.51 15.94 3.23
CA ILE C 275 6.08 15.00 4.27
C ILE C 275 6.32 15.60 5.64
N SER C 276 5.32 15.54 6.50
CA SER C 276 5.51 15.90 7.91
C SER C 276 5.93 14.68 8.70
N GLN C 277 5.10 13.63 8.63
CA GLN C 277 5.38 12.35 9.29
C GLN C 277 4.65 11.15 8.66
N LEU C 278 5.25 9.97 8.77
CA LEU C 278 4.75 8.75 8.14
C LEU C 278 4.42 7.64 9.15
N VAL C 279 4.35 8.00 10.43
CA VAL C 279 4.33 7.04 11.55
C VAL C 279 3.05 7.05 12.39
N ASN C 280 2.25 8.10 12.33
CA ASN C 280 0.99 8.16 13.07
C ASN C 280 -0.10 7.47 12.27
N PRO C 281 -1.22 7.10 12.90
CA PRO C 281 -2.39 6.54 12.18
C PRO C 281 -2.83 7.33 10.94
N ALA C 282 -2.90 8.66 11.05
CA ALA C 282 -3.05 9.50 9.85
C ALA C 282 -1.67 10.04 9.45
N LYS C 283 -1.34 9.90 8.17
CA LYS C 283 -0.07 10.38 7.65
C LYS C 283 -0.30 11.82 7.27
N THR C 284 0.75 12.64 7.38
CA THR C 284 0.60 14.08 7.24
C THR C 284 1.48 14.57 6.10
N ALA C 285 0.84 15.10 5.04
CA ALA C 285 1.53 15.79 3.96
C ALA C 285 1.48 17.31 4.13
N LYS C 286 2.39 17.99 3.46
CA LYS C 286 2.36 19.46 3.41
C LYS C 286 2.73 20.01 2.06
N ALA C 287 2.43 21.29 1.86
CA ALA C 287 2.76 21.98 0.64
C ALA C 287 3.14 23.41 0.97
N ARG C 288 4.32 23.82 0.54
CA ARG C 288 4.85 25.15 0.83
C ARG C 288 4.46 26.11 -0.31
N ILE C 289 3.65 27.10 0.02
CA ILE C 289 3.19 28.10 -0.94
C ILE C 289 3.90 29.40 -0.60
N PRO C 290 4.95 29.76 -1.34
CA PRO C 290 5.62 31.01 -1.00
C PRO C 290 4.75 32.25 -1.18
N LYS C 291 4.98 33.23 -0.32
CA LYS C 291 4.23 34.48 -0.37
C LYS C 291 4.57 35.33 -1.58
N TYR C 292 5.75 35.15 -2.19
CA TYR C 292 6.17 36.01 -3.30
C TYR C 292 5.20 35.92 -4.47
N ILE C 293 4.53 34.78 -4.64
CA ILE C 293 3.60 34.58 -5.76
C ILE C 293 2.33 35.44 -5.65
N PHE C 294 2.11 36.05 -4.49
CA PHE C 294 1.02 37.02 -4.30
C PHE C 294 1.57 38.44 -4.20
N THR C 295 2.85 38.56 -3.87
CA THR C 295 3.49 39.86 -3.61
C THR C 295 4.82 39.98 -4.34
N HIS D 12 39.00 22.72 -26.15
CA HIS D 12 39.29 21.39 -26.77
C HIS D 12 38.42 20.28 -26.16
N MSE D 13 37.25 20.64 -25.64
CA MSE D 13 36.45 19.76 -24.75
C MSE D 13 35.36 18.95 -25.48
O MSE D 13 34.65 19.49 -26.33
CB MSE D 13 35.81 20.61 -23.65
CG MSE D 13 35.01 19.81 -22.63
SE MSE D 13 34.08 20.98 -21.34
CE MSE D 13 35.64 22.06 -20.64
N LYS D 14 35.19 17.69 -25.10
CA LYS D 14 34.27 16.76 -25.78
C LYS D 14 32.79 17.18 -25.62
N VAL D 15 32.07 17.23 -26.75
CA VAL D 15 30.67 17.67 -26.76
C VAL D 15 29.77 16.61 -27.40
N VAL D 16 28.77 16.14 -26.67
CA VAL D 16 27.75 15.28 -27.25
C VAL D 16 26.52 16.14 -27.63
N PRO D 17 26.24 16.27 -28.94
CA PRO D 17 25.09 17.07 -29.37
C PRO D 17 23.74 16.38 -29.17
N ALA D 18 22.66 17.16 -29.21
CA ALA D 18 21.33 16.70 -28.80
C ALA D 18 20.68 15.63 -29.69
N GLN D 19 21.05 15.59 -30.97
CA GLN D 19 20.49 14.60 -31.89
C GLN D 19 20.94 13.17 -31.57
N ARG D 20 22.05 13.04 -30.85
CA ARG D 20 22.51 11.74 -30.36
C ARG D 20 21.88 11.49 -29.00
N CYS D 21 20.79 10.72 -28.99
CA CYS D 21 19.99 10.56 -27.78
C CYS D 21 19.21 9.26 -27.74
N VAL D 22 18.49 9.06 -26.64
CA VAL D 22 17.70 7.85 -26.46
C VAL D 22 16.36 8.19 -25.81
N TYR D 23 15.39 7.31 -26.00
CA TYR D 23 14.05 7.46 -25.40
C TYR D 23 13.78 6.35 -24.38
N SER D 24 14.84 5.63 -24.05
CA SER D 24 14.77 4.60 -23.04
C SER D 24 16.18 4.24 -22.57
N PHE D 25 16.25 3.78 -21.33
CA PHE D 25 17.44 3.16 -20.79
C PHE D 25 17.22 1.66 -20.90
N SER D 26 18.01 1.03 -21.77
CA SER D 26 17.96 -0.39 -22.04
C SER D 26 19.26 -1.01 -21.61
N ALA D 27 19.21 -2.28 -21.25
CA ALA D 27 20.44 -3.02 -20.99
C ALA D 27 21.34 -3.01 -22.24
N ASN D 28 20.73 -3.07 -23.43
CA ASN D 28 21.49 -3.12 -24.70
C ASN D 28 21.95 -1.80 -25.30
N MSE D 29 21.73 -0.67 -24.65
CA MSE D 29 22.18 0.59 -25.21
C MSE D 29 23.63 0.53 -25.69
O MSE D 29 24.53 0.11 -24.94
CB MSE D 29 22.13 1.69 -24.17
CG MSE D 29 20.78 2.12 -23.78
SE MSE D 29 20.95 3.36 -22.29
CE MSE D 29 22.31 2.58 -21.30
N ALA D 30 23.83 0.96 -26.94
CA ALA D 30 25.17 1.17 -27.48
C ALA D 30 25.50 2.66 -27.35
N PRO D 31 26.75 2.98 -27.02
CA PRO D 31 27.18 4.38 -26.83
C PRO D 31 27.43 5.20 -28.12
N VAL D 32 27.20 6.50 -27.99
CA VAL D 32 27.49 7.47 -29.06
C VAL D 32 28.84 8.15 -28.85
N GLU D 33 29.49 7.89 -27.72
CA GLU D 33 30.78 8.51 -27.38
C GLU D 33 31.43 7.78 -26.19
N GLU D 34 32.74 7.90 -26.06
CA GLU D 34 33.45 7.36 -24.90
C GLU D 34 34.33 8.39 -24.22
N VAL D 35 34.46 8.26 -22.90
CA VAL D 35 35.29 9.14 -22.08
C VAL D 35 36.10 8.32 -21.08
N TYR D 36 37.18 8.89 -20.58
CA TYR D 36 37.94 8.32 -19.48
C TYR D 36 37.56 9.01 -18.19
N PRO D 37 37.69 8.31 -17.04
CA PRO D 37 37.44 8.99 -15.77
C PRO D 37 38.35 10.21 -15.60
N GLY D 38 37.78 11.31 -15.14
CA GLY D 38 38.50 12.59 -15.02
C GLY D 38 38.13 13.62 -16.09
N GLU D 39 37.54 13.16 -17.20
CA GLU D 39 37.19 14.05 -18.32
C GLU D 39 35.94 14.86 -18.06
N GLN D 40 35.88 16.03 -18.69
CA GLN D 40 34.67 16.83 -18.71
C GLN D 40 33.96 16.58 -20.03
N VAL D 41 32.64 16.54 -20.00
CA VAL D 41 31.86 16.34 -21.22
C VAL D 41 30.71 17.32 -21.22
N VAL D 42 30.45 17.94 -22.37
CA VAL D 42 29.35 18.87 -22.49
C VAL D 42 28.18 18.14 -23.11
N PHE D 43 27.06 18.11 -22.41
CA PHE D 43 25.82 17.56 -22.95
C PHE D 43 24.89 18.66 -23.46
N GLU D 44 24.77 18.79 -24.77
CA GLU D 44 23.70 19.59 -25.36
C GLU D 44 22.43 18.77 -25.26
N THR D 45 21.32 19.42 -24.86
CA THR D 45 20.04 18.73 -24.62
C THR D 45 18.87 19.50 -25.23
N LEU D 46 17.87 18.76 -25.71
CA LEU D 46 16.59 19.34 -26.13
C LEU D 46 15.61 19.38 -24.96
N ASP D 47 14.58 20.21 -25.05
CA ASP D 47 13.56 20.22 -24.02
C ASP D 47 12.79 18.91 -24.06
N ALA D 48 12.14 18.57 -22.94
CA ALA D 48 11.53 17.26 -22.78
C ALA D 48 10.38 17.03 -23.74
N LEU D 49 9.84 18.12 -24.28
CA LEU D 49 8.72 18.10 -25.22
C LEU D 49 9.19 18.00 -26.69
N GLY D 50 10.47 18.21 -26.95
CA GLY D 50 11.00 18.15 -28.32
C GLY D 50 10.70 19.42 -29.11
N VAL D 61 8.41 10.60 -26.45
CA VAL D 61 9.58 11.44 -26.59
C VAL D 61 9.82 12.24 -25.30
N ASN D 62 10.92 11.93 -24.62
CA ASN D 62 11.49 12.75 -23.53
C ASN D 62 13.03 12.48 -23.52
N PRO D 63 13.76 13.08 -24.48
CA PRO D 63 15.06 12.61 -24.97
C PRO D 63 16.25 12.85 -24.05
N ALA D 64 17.04 11.80 -23.83
CA ALA D 64 18.24 11.91 -23.02
C ALA D 64 19.41 11.86 -23.97
N THR D 65 20.27 12.87 -23.91
CA THR D 65 21.46 12.93 -24.78
C THR D 65 22.44 11.87 -24.34
N GLY D 66 22.98 11.12 -25.30
CA GLY D 66 23.91 10.02 -25.04
C GLY D 66 23.49 8.74 -25.75
N PRO D 67 23.87 7.58 -25.20
CA PRO D 67 24.65 7.35 -23.99
C PRO D 67 26.16 7.39 -24.19
N VAL D 68 26.88 7.67 -23.10
CA VAL D 68 28.33 7.78 -23.11
C VAL D 68 28.95 6.62 -22.35
N PHE D 69 29.92 5.96 -23.00
CA PHE D 69 30.67 4.86 -22.41
C PHE D 69 31.87 5.40 -21.59
N VAL D 70 31.96 5.00 -20.32
CA VAL D 70 33.06 5.42 -19.46
C VAL D 70 34.02 4.25 -19.27
N ASN D 71 35.22 4.40 -19.82
CA ASN D 71 36.24 3.35 -19.80
C ASN D 71 36.65 3.05 -18.37
N GLY D 72 36.90 1.77 -18.09
CA GLY D 72 37.28 1.33 -16.75
C GLY D 72 36.10 0.90 -15.87
N VAL D 73 34.94 1.49 -16.09
CA VAL D 73 33.76 1.26 -15.25
C VAL D 73 33.09 -0.09 -15.58
N LYS D 74 32.80 -0.86 -14.52
CA LYS D 74 32.28 -2.23 -14.62
C LYS D 74 31.03 -2.38 -13.74
N PRO D 75 30.23 -3.41 -13.99
CA PRO D 75 29.08 -3.65 -13.10
C PRO D 75 29.50 -3.66 -11.64
N GLY D 76 28.68 -3.09 -10.76
CA GLY D 76 29.00 -3.03 -9.33
C GLY D 76 29.74 -1.78 -8.88
N ASP D 77 30.26 -1.00 -9.82
CA ASP D 77 30.92 0.27 -9.52
C ASP D 77 29.88 1.36 -9.31
N THR D 78 30.33 2.52 -8.84
CA THR D 78 29.48 3.70 -8.83
C THR D 78 30.04 4.74 -9.80
N LEU D 79 29.19 5.22 -10.70
CA LEU D 79 29.55 6.33 -11.53
C LEU D 79 29.34 7.59 -10.70
N LYS D 80 30.37 8.42 -10.62
CA LYS D 80 30.23 9.73 -10.00
C LYS D 80 30.18 10.78 -11.08
N VAL D 81 29.10 11.55 -11.13
CA VAL D 81 28.91 12.53 -12.18
C VAL D 81 28.80 13.90 -11.54
N ARG D 82 29.85 14.70 -11.63
CA ARG D 82 29.81 16.05 -11.08
C ARG D 82 29.27 17.08 -12.07
N ILE D 83 28.25 17.81 -11.64
CA ILE D 83 27.60 18.85 -12.44
C ILE D 83 28.30 20.20 -12.24
N LYS D 84 29.07 20.60 -13.25
CA LYS D 84 29.88 21.82 -13.25
C LYS D 84 29.08 23.04 -13.71
N ARG D 85 28.38 22.93 -14.84
CA ARG D 85 27.56 24.00 -15.36
C ARG D 85 26.27 23.56 -16.00
N ILE D 86 25.27 24.43 -15.92
CA ILE D 86 24.01 24.28 -16.62
C ILE D 86 23.71 25.62 -17.24
N GLU D 87 23.79 25.69 -18.57
CA GLU D 87 23.51 26.91 -19.29
C GLU D 87 22.11 26.84 -19.86
N LEU D 88 21.27 27.80 -19.42
CA LEU D 88 19.87 27.86 -19.84
C LEU D 88 19.64 28.88 -20.97
N PRO D 89 18.54 28.71 -21.72
CA PRO D 89 18.12 29.71 -22.69
C PRO D 89 17.27 30.76 -21.99
N ARG D 90 16.74 31.71 -22.74
CA ARG D 90 15.91 32.80 -22.18
C ARG D 90 14.38 32.59 -22.34
N ARG D 91 14.00 31.36 -22.71
CA ARG D 91 12.60 30.96 -22.91
C ARG D 91 12.43 29.51 -22.56
N GLY D 92 11.30 29.21 -21.90
CA GLY D 92 10.96 27.83 -21.54
C GLY D 92 9.47 27.59 -21.76
N MSE D 93 9.04 26.39 -21.43
CA MSE D 93 7.71 25.90 -21.80
C MSE D 93 7.16 25.08 -20.64
O MSE D 93 7.85 24.21 -20.13
CB MSE D 93 7.86 25.01 -23.04
CG MSE D 93 6.58 24.49 -23.70
SE MSE D 93 5.59 25.77 -24.80
CE MSE D 93 7.10 26.76 -25.67
N ILE D 94 5.93 25.35 -20.22
CA ILE D 94 5.24 24.49 -19.25
C ILE D 94 3.92 23.97 -19.86
N VAL D 95 3.59 22.70 -19.59
CA VAL D 95 2.40 22.06 -20.18
C VAL D 95 1.59 21.25 -19.18
N THR D 96 0.26 21.24 -19.37
CA THR D 96 -0.61 20.39 -18.56
C THR D 96 -1.91 20.06 -19.31
N GLY D 97 -2.75 19.23 -18.71
CA GLY D 97 -4.04 18.87 -19.31
C GLY D 97 -4.74 17.66 -18.71
N LYS D 98 -5.93 17.33 -19.24
CA LYS D 98 -6.64 16.11 -18.86
C LYS D 98 -5.66 14.92 -18.90
N GLY D 99 -5.60 14.17 -17.80
CA GLY D 99 -4.75 13.00 -17.69
C GLY D 99 -3.35 13.24 -17.15
N PHE D 100 -2.95 14.50 -16.98
CA PHE D 100 -1.58 14.84 -16.62
C PHE D 100 -1.43 15.44 -15.21
N GLY D 101 -0.46 14.93 -14.47
CA GLY D 101 -0.17 15.41 -13.13
C GLY D 101 -1.08 14.83 -12.07
N VAL D 102 -0.96 15.37 -10.86
CA VAL D 102 -1.69 14.87 -9.70
C VAL D 102 -3.21 15.09 -9.79
N LEU D 103 -3.63 16.18 -10.44
CA LEU D 103 -5.05 16.50 -10.60
C LEU D 103 -5.50 16.33 -12.05
N GLY D 104 -4.96 15.31 -12.72
CA GLY D 104 -5.30 15.00 -14.11
C GLY D 104 -6.76 14.65 -14.34
N ASP D 105 -7.45 14.20 -13.29
CA ASP D 105 -8.89 13.88 -13.36
C ASP D 105 -9.81 15.07 -13.22
N GLU D 106 -9.30 16.22 -12.77
CA GLU D 106 -10.12 17.41 -12.56
C GLU D 106 -9.80 18.51 -13.56
N VAL D 107 -8.81 18.30 -14.41
CA VAL D 107 -8.41 19.31 -15.37
C VAL D 107 -8.90 18.92 -16.76
N GLU D 108 -9.42 19.90 -17.50
CA GLU D 108 -9.89 19.67 -18.85
C GLU D 108 -8.93 20.31 -19.85
N GLY D 109 -8.93 19.75 -21.06
CA GLY D 109 -8.18 20.30 -22.17
C GLY D 109 -6.68 20.10 -22.12
N PHE D 110 -5.99 20.74 -23.05
CA PHE D 110 -4.54 20.68 -23.12
C PHE D 110 -4.02 22.11 -23.18
N HIS D 111 -3.04 22.41 -22.33
CA HIS D 111 -2.60 23.77 -22.15
C HIS D 111 -1.09 23.85 -22.20
N THR D 112 -0.59 24.91 -22.80
CA THR D 112 0.84 25.16 -22.88
C THR D 112 1.08 26.64 -22.58
N LYS D 113 2.22 26.97 -21.97
CA LYS D 113 2.58 28.36 -21.70
C LYS D 113 4.07 28.58 -21.89
N GLU D 114 4.42 29.58 -22.68
CA GLU D 114 5.80 29.98 -22.86
C GLU D 114 6.22 30.81 -21.66
N LEU D 115 7.43 30.62 -21.18
CA LEU D 115 7.91 31.37 -20.02
C LEU D 115 9.18 32.17 -20.33
N GLU D 116 9.20 33.45 -19.94
CA GLU D 116 10.42 34.26 -20.02
C GLU D 116 11.37 33.88 -18.89
N ILE D 117 12.61 33.55 -19.24
CA ILE D 117 13.66 33.23 -18.27
C ILE D 117 14.70 34.37 -18.15
N GLU D 118 14.68 35.07 -17.02
CA GLU D 118 15.69 36.08 -16.72
C GLU D 118 16.86 35.42 -15.99
N LYS D 119 17.87 36.20 -15.66
CA LYS D 119 19.03 35.66 -14.97
C LYS D 119 18.70 35.09 -13.60
N TRP D 120 17.82 35.76 -12.84
CA TRP D 120 17.53 35.32 -11.47
C TRP D 120 16.09 34.82 -11.23
N ALA D 121 15.28 34.82 -12.27
CA ALA D 121 13.86 34.51 -12.10
C ALA D 121 13.24 33.95 -13.37
N VAL D 122 12.23 33.10 -13.19
CA VAL D 122 11.38 32.66 -14.28
C VAL D 122 10.08 33.43 -14.11
N LEU D 123 9.65 34.10 -15.18
CA LEU D 123 8.47 34.97 -15.10
C LEU D 123 7.17 34.22 -15.41
N PHE D 124 6.20 34.37 -14.52
CA PHE D 124 4.90 33.77 -14.70
C PHE D 124 3.81 34.82 -14.44
N ASP D 125 3.36 35.50 -15.49
CA ASP D 125 2.31 36.53 -15.38
C ASP D 125 2.59 37.46 -14.24
N GLY D 126 3.79 38.02 -14.19
CA GLY D 126 4.13 38.99 -13.15
C GLY D 126 4.60 38.39 -11.84
N VAL D 127 4.77 37.06 -11.79
CA VAL D 127 5.36 36.41 -10.63
C VAL D 127 6.82 36.09 -10.95
N ARG D 128 7.72 36.36 -10.00
CA ARG D 128 9.13 36.03 -10.14
C ARG D 128 9.47 34.80 -9.32
N ILE D 129 9.52 33.65 -9.98
CA ILE D 129 9.94 32.39 -9.34
C ILE D 129 11.47 32.30 -9.38
N PRO D 130 12.12 32.25 -8.21
CA PRO D 130 13.59 32.14 -8.22
C PRO D 130 14.09 31.05 -9.15
N ILE D 131 15.13 31.37 -9.93
CA ILE D 131 15.71 30.42 -10.86
C ILE D 131 16.36 29.31 -10.07
N HIS D 132 16.06 28.06 -10.44
CA HIS D 132 16.72 26.88 -9.87
C HIS D 132 17.09 25.84 -10.95
N PRO D 133 18.21 26.03 -11.65
CA PRO D 133 18.52 25.13 -12.74
C PRO D 133 18.76 23.74 -12.23
N MSE D 134 18.23 22.75 -12.93
CA MSE D 134 18.33 21.38 -12.50
C MSE D 134 18.29 20.45 -13.70
O MSE D 134 17.78 20.81 -14.75
CB MSE D 134 17.20 21.05 -11.49
CG MSE D 134 15.84 21.57 -11.86
SE MSE D 134 14.38 20.53 -11.16
CE MSE D 134 14.79 18.78 -11.95
N VAL D 135 18.85 19.26 -13.52
CA VAL D 135 18.78 18.20 -14.53
C VAL D 135 17.73 17.18 -14.07
N GLY D 136 16.68 17.01 -14.86
CA GLY D 136 15.55 16.17 -14.48
C GLY D 136 15.67 14.69 -14.85
N VAL D 137 16.41 14.40 -15.92
CA VAL D 137 16.71 13.03 -16.30
C VAL D 137 18.22 12.78 -16.29
N ILE D 138 18.64 11.82 -15.49
CA ILE D 138 20.00 11.34 -15.55
C ILE D 138 19.96 9.88 -15.14
N GLY D 139 20.68 9.05 -15.88
CA GLY D 139 20.70 7.63 -15.59
C GLY D 139 21.69 6.87 -16.45
N VAL D 140 21.74 5.56 -16.22
CA VAL D 140 22.65 4.67 -16.91
C VAL D 140 21.88 3.44 -17.41
N ALA D 141 22.56 2.58 -18.16
CA ALA D 141 21.95 1.31 -18.58
C ALA D 141 21.56 0.50 -17.36
N PRO D 142 20.33 -0.03 -17.35
CA PRO D 142 19.87 -0.91 -16.26
C PRO D 142 20.44 -2.32 -16.35
N GLN D 143 20.04 -3.16 -15.41
CA GLN D 143 20.47 -4.55 -15.35
C GLN D 143 19.86 -5.34 -16.49
N GLU D 144 18.54 -5.31 -16.57
CA GLU D 144 17.77 -6.11 -17.52
C GLU D 144 16.63 -5.26 -18.08
N GLY D 145 16.16 -5.62 -19.29
CA GLY D 145 15.02 -4.93 -19.91
C GLY D 145 15.26 -3.45 -20.21
N GLU D 146 14.19 -2.70 -20.35
CA GLU D 146 14.28 -1.28 -20.70
C GLU D 146 13.22 -0.42 -20.03
N TYR D 147 13.62 0.78 -19.65
CA TYR D 147 12.73 1.72 -19.00
C TYR D 147 12.67 2.94 -19.86
N PRO D 148 11.46 3.40 -20.18
CA PRO D 148 11.39 4.67 -20.90
C PRO D 148 11.98 5.83 -20.09
N THR D 149 12.65 6.76 -20.78
CA THR D 149 13.24 7.94 -20.17
C THR D 149 12.23 8.77 -19.34
N GLY D 150 10.94 8.60 -19.59
CA GLY D 150 9.90 9.24 -18.79
C GLY D 150 9.75 8.67 -17.39
N THR D 151 10.26 7.45 -17.16
CA THR D 151 10.20 6.83 -15.83
C THR D 151 11.58 6.69 -15.19
N ALA D 152 11.61 6.13 -14.00
CA ALA D 152 12.86 6.04 -13.23
C ALA D 152 12.87 4.79 -12.39
N HIS D 153 14.08 4.32 -12.10
CA HIS D 153 14.31 3.19 -11.20
C HIS D 153 15.74 3.30 -10.63
N ARG D 154 16.45 2.20 -10.47
CA ARG D 154 17.72 2.22 -9.76
C ARG D 154 18.85 2.76 -10.61
N HIS D 155 18.71 2.61 -11.91
CA HIS D 155 19.64 3.19 -12.87
C HIS D 155 19.48 4.70 -12.97
N GLY D 156 18.45 5.24 -12.35
CA GLY D 156 18.13 6.67 -12.45
C GLY D 156 16.98 6.87 -13.42
N GLY D 157 17.01 7.98 -14.15
CA GLY D 157 15.98 8.30 -15.14
C GLY D 157 15.28 9.59 -14.80
N ASN D 158 13.97 9.62 -15.01
CA ASN D 158 13.19 10.82 -14.79
C ASN D 158 12.85 10.99 -13.31
N MSE D 159 13.86 11.33 -12.53
CA MSE D 159 13.74 11.49 -11.07
C MSE D 159 13.26 12.89 -10.63
O MSE D 159 12.83 13.05 -9.49
CB MSE D 159 15.08 11.21 -10.40
CG MSE D 159 15.66 9.87 -10.76
SE MSE D 159 17.38 9.58 -9.93
CE MSE D 159 18.43 11.00 -10.76
N ASP D 160 13.36 13.85 -11.55
CA ASP D 160 12.96 15.24 -11.31
C ASP D 160 13.24 15.66 -9.87
N THR D 161 14.52 15.55 -9.50
CA THR D 161 15.03 15.93 -8.19
C THR D 161 15.69 17.29 -8.28
N LYS D 162 15.06 18.33 -7.71
CA LYS D 162 15.60 19.70 -7.81
C LYS D 162 17.00 19.87 -7.20
N GLU D 163 17.42 18.93 -6.38
CA GLU D 163 18.74 18.97 -5.78
C GLU D 163 19.86 18.66 -6.78
N ILE D 164 19.51 18.00 -7.89
CA ILE D 164 20.44 17.76 -9.00
C ILE D 164 20.67 19.07 -9.79
N THR D 165 21.57 19.89 -9.26
CA THR D 165 21.82 21.22 -9.74
C THR D 165 23.32 21.41 -9.95
N GLU D 166 23.75 22.65 -10.22
CA GLU D 166 25.18 22.93 -10.33
C GLU D 166 25.86 22.70 -8.98
N ASN D 167 27.09 22.19 -9.06
CA ASN D 167 27.92 21.94 -7.90
C ASN D 167 27.45 20.78 -7.00
N VAL D 168 26.83 19.75 -7.58
CA VAL D 168 26.58 18.48 -6.88
C VAL D 168 27.21 17.31 -7.65
N THR D 169 27.43 16.19 -6.96
CA THR D 169 27.84 14.94 -7.58
C THR D 169 26.65 13.97 -7.53
N VAL D 170 26.33 13.34 -8.65
CA VAL D 170 25.29 12.32 -8.67
C VAL D 170 26.01 11.01 -8.71
N HIS D 171 25.72 10.14 -7.74
CA HIS D 171 26.33 8.82 -7.64
C HIS D 171 25.28 7.85 -8.16
N LEU D 172 25.62 7.10 -9.21
CA LEU D 172 24.69 6.18 -9.84
C LEU D 172 25.26 4.78 -9.90
N PRO D 173 24.44 3.76 -9.54
CA PRO D 173 24.90 2.39 -9.62
C PRO D 173 25.11 1.97 -11.08
N VAL D 174 26.20 1.25 -11.32
CA VAL D 174 26.55 0.82 -12.67
C VAL D 174 26.19 -0.65 -12.89
N PHE D 175 25.45 -0.94 -13.95
CA PHE D 175 24.96 -2.29 -14.23
C PHE D 175 25.54 -2.91 -15.49
N GLN D 176 25.93 -2.09 -16.45
CA GLN D 176 26.58 -2.56 -17.68
C GLN D 176 28.00 -2.05 -17.75
N GLU D 177 28.84 -2.76 -18.51
CA GLU D 177 30.19 -2.27 -18.85
C GLU D 177 30.09 -0.87 -19.44
N GLY D 178 30.78 0.08 -18.81
CA GLY D 178 30.87 1.45 -19.31
C GLY D 178 29.83 2.41 -18.74
N ALA D 179 28.92 1.91 -17.93
CA ALA D 179 27.81 2.72 -17.38
C ALA D 179 26.75 3.06 -18.42
N LEU D 180 27.14 3.80 -19.46
CA LEU D 180 26.27 4.18 -20.57
C LEU D 180 25.33 5.28 -20.07
N LEU D 181 25.95 6.42 -19.75
CA LEU D 181 25.30 7.58 -19.14
C LEU D 181 24.55 8.44 -20.16
N ALA D 182 23.32 8.81 -19.81
CA ALA D 182 22.53 9.71 -20.64
C ALA D 182 21.83 10.73 -19.75
N LEU D 183 21.68 11.96 -20.24
CA LEU D 183 21.00 12.97 -19.45
C LEU D 183 20.21 13.99 -20.29
N GLY D 184 19.22 14.60 -19.66
CA GLY D 184 18.35 15.54 -20.34
C GLY D 184 17.28 16.09 -19.43
N ASP D 185 16.18 16.56 -20.02
CA ASP D 185 15.01 17.02 -19.27
C ASP D 185 15.41 18.14 -18.29
N VAL D 186 16.13 19.14 -18.79
CA VAL D 186 16.59 20.25 -17.97
C VAL D 186 15.48 21.27 -17.67
N HIS D 187 15.44 21.74 -16.43
CA HIS D 187 14.46 22.75 -16.01
C HIS D 187 15.14 24.01 -15.52
N ALA D 188 14.50 25.15 -15.75
CA ALA D 188 14.98 26.42 -15.26
C ALA D 188 14.48 26.62 -13.82
N THR D 189 13.34 26.03 -13.50
CA THR D 189 12.90 25.92 -12.11
C THR D 189 11.75 24.94 -12.01
N MSE D 190 11.46 24.56 -10.77
CA MSE D 190 10.47 23.54 -10.45
C MSE D 190 10.18 23.59 -8.94
O MSE D 190 11.02 24.02 -8.15
CB MSE D 190 11.03 22.17 -10.81
CG MSE D 190 10.02 21.03 -10.79
SE MSE D 190 10.90 19.28 -10.93
CE MSE D 190 11.77 19.31 -9.27
N GLY D 191 8.99 23.16 -8.56
CA GLY D 191 8.70 22.88 -7.15
C GLY D 191 8.69 21.39 -6.91
N ASP D 192 8.98 20.96 -5.70
CA ASP D 192 8.92 19.53 -5.38
C ASP D 192 7.51 19.02 -5.60
N GLY D 193 7.39 17.87 -6.24
CA GLY D 193 6.10 17.32 -6.61
C GLY D 193 5.83 17.45 -8.10
N GLU D 194 6.24 18.58 -8.69
CA GLU D 194 6.07 18.86 -10.13
C GLU D 194 4.62 18.55 -10.55
N VAL D 195 3.68 19.05 -9.75
CA VAL D 195 2.35 18.48 -9.64
C VAL D 195 1.54 18.51 -10.93
N CYS D 196 1.82 19.46 -11.83
CA CYS D 196 1.03 19.53 -13.08
C CYS D 196 1.54 18.61 -14.20
N VAL D 197 2.64 17.90 -13.93
CA VAL D 197 3.30 16.92 -14.81
C VAL D 197 4.60 17.48 -15.42
N SER D 198 4.76 18.80 -15.46
CA SER D 198 6.00 19.38 -15.99
C SER D 198 6.48 20.61 -15.24
N ALA D 199 7.72 20.99 -15.52
CA ALA D 199 8.34 22.17 -14.92
C ALA D 199 8.50 23.18 -16.03
N CYS D 200 9.42 24.12 -15.83
CA CYS D 200 9.85 25.03 -16.88
C CYS D 200 10.86 24.31 -17.76
N GLU D 201 10.36 23.61 -18.77
CA GLU D 201 11.17 22.76 -19.63
C GLU D 201 12.02 23.60 -20.57
N VAL D 202 13.30 23.24 -20.73
CA VAL D 202 14.21 23.96 -21.66
C VAL D 202 15.27 23.08 -22.32
N PRO D 203 15.74 23.47 -23.52
CA PRO D 203 16.96 22.86 -24.02
C PRO D 203 18.13 23.50 -23.27
N ALA D 204 19.26 22.80 -23.19
CA ALA D 204 20.38 23.34 -22.42
C ALA D 204 21.72 22.74 -22.78
N LYS D 205 22.77 23.32 -22.22
CA LYS D 205 24.09 22.70 -22.19
C LYS D 205 24.37 22.33 -20.73
N VAL D 206 24.74 21.09 -20.46
CA VAL D 206 25.18 20.69 -19.14
C VAL D 206 26.60 20.15 -19.21
N VAL D 207 27.50 20.82 -18.49
CA VAL D 207 28.89 20.43 -18.45
C VAL D 207 29.05 19.53 -17.24
N VAL D 208 29.62 18.36 -17.46
CA VAL D 208 29.82 17.42 -16.36
C VAL D 208 31.26 16.95 -16.33
N GLU D 209 31.66 16.45 -15.17
CA GLU D 209 32.97 15.85 -14.96
C GLU D 209 32.69 14.43 -14.45
N ILE D 210 33.22 13.43 -15.13
CA ILE D 210 32.88 12.06 -14.78
C ILE D 210 34.06 11.42 -14.06
N ASP D 211 33.73 10.62 -13.03
CA ASP D 211 34.71 9.87 -12.27
C ASP D 211 34.04 8.61 -11.73
N VAL D 212 34.82 7.65 -11.22
CA VAL D 212 34.28 6.36 -10.81
C VAL D 212 34.69 6.00 -9.38
N SER D 213 33.91 5.13 -8.76
CA SER D 213 34.20 4.57 -7.44
C SER D 213 33.91 3.07 -7.40
N LYS D 214 34.72 2.32 -6.66
CA LYS D 214 34.55 0.85 -6.58
C LYS D 214 33.52 0.37 -5.55
N GLU D 215 32.94 1.30 -4.79
CA GLU D 215 31.85 0.99 -3.85
C GLU D 215 30.53 0.78 -4.61
N GLU D 216 29.74 -0.19 -4.15
CA GLU D 216 28.42 -0.49 -4.70
C GLU D 216 27.32 0.31 -3.97
N ILE D 217 26.27 0.69 -4.70
CA ILE D 217 25.10 1.34 -4.09
C ILE D 217 23.83 0.78 -4.73
N LYS D 218 22.71 0.90 -4.04
CA LYS D 218 21.46 0.32 -4.52
C LYS D 218 20.71 1.32 -5.34
N TRP D 219 20.63 2.55 -4.83
CA TRP D 219 19.88 3.62 -5.45
C TRP D 219 20.77 4.84 -5.67
N PRO D 220 20.40 5.71 -6.63
CA PRO D 220 21.15 6.93 -6.83
C PRO D 220 21.22 7.77 -5.58
N VAL D 221 22.37 8.40 -5.38
CA VAL D 221 22.56 9.34 -4.29
C VAL D 221 23.11 10.67 -4.83
N VAL D 222 22.49 11.78 -4.44
CA VAL D 222 23.03 13.08 -4.77
C VAL D 222 23.80 13.65 -3.58
N GLU D 223 25.06 14.02 -3.83
CA GLU D 223 25.91 14.62 -2.82
C GLU D 223 26.04 16.14 -3.01
N THR D 224 25.56 16.89 -2.03
CA THR D 224 25.74 18.33 -2.05
C THR D 224 26.93 18.65 -1.14
N ASN D 225 27.21 19.94 -1.00
CA ASN D 225 28.27 20.39 -0.10
C ASN D 225 27.96 20.14 1.37
N ASP D 226 26.72 19.77 1.73
CA ASP D 226 26.39 19.52 3.15
C ASP D 226 25.51 18.32 3.44
N ALA D 227 25.08 17.58 2.43
CA ALA D 227 24.15 16.51 2.66
C ALA D 227 24.20 15.47 1.57
N TYR D 228 23.75 14.27 1.90
CA TYR D 228 23.48 13.26 0.89
C TYR D 228 21.98 13.07 0.74
N TYR D 229 21.53 12.98 -0.50
CA TYR D 229 20.14 12.68 -0.79
C TYR D 229 20.09 11.33 -1.47
N ILE D 230 19.31 10.40 -0.90
CA ILE D 230 19.05 9.13 -1.57
C ILE D 230 17.75 9.23 -2.36
N ILE D 231 17.76 8.77 -3.62
CA ILE D 231 16.62 8.94 -4.49
C ILE D 231 16.00 7.60 -4.88
N VAL D 232 14.79 7.35 -4.39
CA VAL D 232 14.11 6.09 -4.68
C VAL D 232 12.87 6.36 -5.53
N SER D 233 12.80 5.66 -6.65
CA SER D 233 11.69 5.78 -7.58
C SER D 233 11.00 4.44 -7.73
N LEU D 234 9.74 4.39 -7.32
CA LEU D 234 8.93 3.20 -7.48
C LEU D 234 7.52 3.63 -7.88
N PRO D 235 6.72 2.69 -8.41
CA PRO D 235 5.33 2.95 -8.82
C PRO D 235 4.36 3.47 -7.74
N ASP D 236 4.57 3.09 -6.49
CA ASP D 236 3.74 3.54 -5.38
C ASP D 236 4.59 4.43 -4.48
N ILE D 237 4.12 5.65 -4.23
CA ILE D 237 4.87 6.60 -3.39
C ILE D 237 5.07 6.08 -1.98
N GLU D 238 4.11 5.33 -1.46
CA GLU D 238 4.24 4.75 -0.14
C GLU D 238 5.41 3.75 -0.09
N GLU D 239 5.55 2.92 -1.14
CA GLU D 239 6.70 2.00 -1.24
C GLU D 239 8.02 2.78 -1.35
N ALA D 240 8.05 3.81 -2.18
CA ALA D 240 9.28 4.57 -2.34
C ALA D 240 9.71 5.18 -1.01
N LEU D 241 8.75 5.72 -0.27
CA LEU D 241 9.04 6.30 1.06
C LEU D 241 9.56 5.27 2.06
N LYS D 242 8.97 4.08 2.04
CA LYS D 242 9.47 2.98 2.87
C LYS D 242 10.91 2.62 2.48
N GLU D 243 11.16 2.37 1.20
CA GLU D 243 12.49 1.98 0.74
C GLU D 243 13.54 3.06 1.03
N VAL D 244 13.25 4.32 0.77
CA VAL D 244 14.26 5.34 1.00
C VAL D 244 14.58 5.47 2.50
N THR D 245 13.60 5.10 3.33
CA THR D 245 13.81 5.09 4.77
C THR D 245 14.77 3.95 5.14
N ARG D 246 14.47 2.76 4.64
CA ARG D 246 15.30 1.59 4.92
C ARG D 246 16.73 1.82 4.48
N GLU D 247 16.90 2.38 3.29
CA GLU D 247 18.23 2.63 2.75
C GLU D 247 18.95 3.71 3.56
N THR D 248 18.21 4.71 4.01
CA THR D 248 18.81 5.78 4.80
C THR D 248 19.37 5.24 6.11
N VAL D 249 18.63 4.34 6.73
CA VAL D 249 19.04 3.84 8.03
C VAL D 249 20.28 2.95 7.88
N TRP D 250 20.37 2.20 6.79
CA TRP D 250 21.54 1.35 6.57
C TRP D 250 22.75 2.18 6.20
N PHE D 251 22.54 3.22 5.41
CA PHE D 251 23.59 4.18 5.08
C PHE D 251 24.25 4.74 6.37
N ILE D 252 23.42 5.23 7.28
CA ILE D 252 23.92 5.76 8.54
C ILE D 252 24.60 4.64 9.35
N GLN D 253 23.94 3.50 9.42
CA GLN D 253 24.39 2.34 10.19
C GLN D 253 25.80 1.91 9.77
N ARG D 254 26.01 1.77 8.47
CA ARG D 254 27.28 1.29 7.92
C ARG D 254 28.39 2.32 7.98
N ARG D 255 28.05 3.59 7.84
CA ARG D 255 29.05 4.66 7.85
C ARG D 255 29.48 5.07 9.27
N LYS D 256 28.64 4.83 10.28
CA LYS D 256 28.99 5.15 11.67
C LYS D 256 29.22 3.92 12.53
N THR D 257 28.95 2.73 11.99
CA THR D 257 29.16 1.47 12.70
C THR D 257 28.48 1.52 14.07
N ILE D 258 27.19 1.82 14.05
CA ILE D 258 26.36 1.82 15.27
C ILE D 258 25.22 0.82 15.07
N PRO D 259 24.56 0.43 16.17
CA PRO D 259 23.42 -0.48 16.02
C PRO D 259 22.31 0.10 15.13
N PHE D 260 21.60 -0.78 14.43
CA PHE D 260 20.54 -0.37 13.51
C PHE D 260 19.54 0.56 14.18
N THR D 261 19.03 0.11 15.33
CA THR D 261 18.06 0.89 16.09
C THR D 261 18.58 2.28 16.48
N ASP D 262 19.88 2.41 16.76
CA ASP D 262 20.46 3.74 17.02
C ASP D 262 20.48 4.62 15.74
N ALA D 263 20.79 3.99 14.60
CA ALA D 263 20.75 4.71 13.34
C ALA D 263 19.32 5.15 13.03
N TYR D 264 18.37 4.29 13.40
CA TYR D 264 16.95 4.50 13.11
C TYR D 264 16.48 5.73 13.87
N MSE D 265 16.80 5.80 15.16
CA MSE D 265 16.50 6.97 15.97
C MSE D 265 17.23 8.23 15.46
O MSE D 265 16.69 9.32 15.52
CB MSE D 265 16.86 6.75 17.42
CG MSE D 265 15.91 5.85 18.22
SE MSE D 265 16.72 5.35 19.96
CE MSE D 265 15.19 4.77 20.91
N LEU D 266 18.46 8.07 14.97
CA LEU D 266 19.24 9.21 14.49
C LEU D 266 18.61 9.87 13.27
N ALA D 267 18.07 9.04 12.39
CA ALA D 267 17.47 9.49 11.16
C ALA D 267 16.19 10.25 11.47
N SER D 268 15.49 9.77 12.50
CA SER D 268 14.25 10.40 12.94
C SER D 268 14.48 11.84 13.48
N LEU D 269 15.70 12.13 13.92
CA LEU D 269 16.06 13.46 14.43
C LEU D 269 16.65 14.35 13.36
N SER D 270 17.46 13.75 12.49
CA SER D 270 18.37 14.51 11.63
C SER D 270 18.00 14.44 10.15
N VAL D 271 17.27 13.40 9.74
CA VAL D 271 17.03 13.18 8.31
C VAL D 271 15.63 13.64 7.88
N ASP D 272 15.57 14.33 6.74
CA ASP D 272 14.33 14.88 6.19
C ASP D 272 13.90 14.05 4.99
N VAL D 273 12.77 13.36 5.13
CA VAL D 273 12.22 12.53 4.06
C VAL D 273 11.23 13.37 3.25
N GLY D 274 11.24 13.19 1.93
CA GLY D 274 10.53 14.11 1.05
C GLY D 274 10.17 13.52 -0.29
N ILE D 275 9.68 14.40 -1.15
CA ILE D 275 9.09 14.05 -2.43
C ILE D 275 9.82 14.79 -3.53
N SER D 276 10.21 14.07 -4.58
CA SER D 276 10.79 14.72 -5.73
C SER D 276 9.70 15.03 -6.75
N GLN D 277 8.91 14.01 -7.11
CA GLN D 277 7.82 14.20 -8.05
C GLN D 277 6.80 13.09 -7.95
N LEU D 278 5.55 13.42 -8.25
CA LEU D 278 4.38 12.54 -8.04
C LEU D 278 3.56 12.31 -9.31
N VAL D 279 4.21 12.44 -10.46
CA VAL D 279 3.52 12.56 -11.72
C VAL D 279 3.99 11.53 -12.74
N ASN D 280 5.18 10.94 -12.56
CA ASN D 280 5.71 9.97 -13.53
C ASN D 280 5.24 8.56 -13.19
N PRO D 281 5.40 7.62 -14.14
CA PRO D 281 4.99 6.24 -13.84
C PRO D 281 5.63 5.69 -12.57
N ALA D 282 6.88 6.08 -12.29
CA ALA D 282 7.50 5.82 -11.01
C ALA D 282 7.55 7.14 -10.26
N LYS D 283 7.16 7.12 -8.99
CA LYS D 283 7.13 8.32 -8.17
C LYS D 283 8.47 8.35 -7.42
N THR D 284 9.01 9.54 -7.14
CA THR D 284 10.34 9.63 -6.54
C THR D 284 10.28 10.25 -5.15
N ALA D 285 10.67 9.47 -4.16
CA ALA D 285 10.84 9.96 -2.81
C ALA D 285 12.32 10.26 -2.61
N LYS D 286 12.63 11.01 -1.56
CA LYS D 286 14.03 11.27 -1.24
C LYS D 286 14.22 11.43 0.24
N ALA D 287 15.46 11.22 0.68
CA ALA D 287 15.85 11.44 2.07
C ALA D 287 17.11 12.29 2.10
N ARG D 288 17.09 13.39 2.83
CA ARG D 288 18.25 14.23 3.06
C ARG D 288 19.08 13.80 4.29
N ILE D 289 20.28 13.30 4.06
CA ILE D 289 21.16 12.83 5.13
C ILE D 289 22.30 13.84 5.32
N PRO D 290 22.22 14.66 6.38
CA PRO D 290 23.16 15.77 6.50
C PRO D 290 24.54 15.32 6.88
N LYS D 291 25.56 15.87 6.20
CA LYS D 291 26.94 15.46 6.43
C LYS D 291 27.45 15.63 7.87
N TYR D 292 26.87 16.55 8.63
CA TYR D 292 27.36 16.82 9.98
C TYR D 292 27.25 15.60 10.91
N ILE D 293 26.40 14.63 10.56
CA ILE D 293 26.26 13.46 11.45
C ILE D 293 27.45 12.49 11.29
N PHE D 294 28.30 12.74 10.30
CA PHE D 294 29.57 12.04 10.18
C PHE D 294 30.74 12.97 10.59
N THR D 295 30.64 14.24 10.20
CA THR D 295 31.69 15.25 10.40
C THR D 295 31.36 16.21 11.54
ZN ZN E . -13.68 -14.95 16.80
ZN ZN F . -10.55 -14.65 15.72
ZN ZN G . -3.37 -16.74 -19.75
ZN ZN H . -4.35 -13.98 -18.14
CL CL I . -20.76 -4.08 -8.56
ZN ZN J . 3.84 13.56 17.51
ZN ZN K . 6.38 13.42 19.79
ZN ZN L . 10.83 15.15 -15.90
ZN ZN M . 10.64 18.07 -17.47
CL CL N . 22.46 3.42 -1.42
#